data_4A6R
#
_entry.id   4A6R
#
_cell.length_a   58.590
_cell.length_b   61.870
_cell.length_c   63.540
_cell.angle_alpha   108.03
_cell.angle_beta   87.31
_cell.angle_gamma   105.16
#
_symmetry.space_group_name_H-M   'P 1'
#
loop_
_entity.id
_entity.type
_entity.pdbx_description
1 polymer 'OMEGA TRANSAMINASE'
2 non-polymer 'POLYACRYLIC ACID'
3 water water
#
_entity_poly.entity_id   1
_entity_poly.type   'polypeptide(L)'
_entity_poly.pdbx_seq_one_letter_code
;MQKQRTTSQWRELDAAHHLHPFTDTASLNQAGARVMTRGEGVYLWDSEGNKIIDGMAGLWCVNVGYGRKDFAEAARRQME
ELPFYNTFFKTTHPAVVELSSLLAEVTPAGFDRVFYTNSGSESVDTMIRMVRRYWDVQGKPEKKTLIGRWNGYHGSTIGG
ASLGGMKYMHEQGDLPIPGMAHIEQPWWYKHGKDMTPDEFGVVAARWLEEKILEIGADKVAAFVGEPIQGAGGVIVPPAT
YWPEIERICRKYDVLLVADEVICGFGRTGEWFGHQHFGFQPDLFTAAKGLSSGYLPIGAVFVGKRVAEGLIAGGDFNHGF
TYSGHPVCAAVAHANVAALRDEGIVQRVKDDIGPYMQKRWRETFSRFEHVDDVRGVGMVQAFTLVKNKAKRELFPDFGEI
GTLCRDIFFRNNLIMRACGDHIVSAPPLVMTRAEVDEMLAVAERCLEEFEQTLKARGLA
;
_entity_poly.pdbx_strand_id   A,B
#
loop_
_chem_comp.id
_chem_comp.type
_chem_comp.name
_chem_comp.formula
TA8 non-polymer 'POLYACRYLIC ACID' 'C12 H18 O8'
#
# COMPACT_ATOMS: atom_id res chain seq x y z
N ARG A 34 -18.77 -7.57 -22.96
CA ARG A 34 -19.43 -6.36 -22.47
C ARG A 34 -18.45 -5.46 -21.73
N VAL A 35 -18.20 -4.32 -22.22
CA VAL A 35 -17.18 -3.46 -21.64
C VAL A 35 -17.70 -2.06 -21.26
N MET A 36 -17.13 -1.52 -20.26
CA MET A 36 -17.44 -0.17 -19.80
C MET A 36 -16.77 0.86 -20.69
N THR A 37 -17.53 1.87 -21.09
CA THR A 37 -17.02 2.88 -22.01
C THR A 37 -16.86 4.25 -21.36
N ARG A 38 -17.68 4.55 -20.37
CA ARG A 38 -17.77 5.93 -19.91
C ARG A 38 -18.51 5.97 -18.59
N GLY A 39 -18.17 6.96 -17.77
CA GLY A 39 -18.92 7.25 -16.56
C GLY A 39 -19.21 8.74 -16.48
N GLU A 40 -20.40 9.10 -16.03
CA GLU A 40 -20.74 10.49 -15.81
C GLU A 40 -21.76 10.59 -14.69
N GLY A 41 -21.46 11.41 -13.69
CA GLY A 41 -22.32 11.57 -12.55
C GLY A 41 -22.50 10.27 -11.77
N VAL A 42 -23.71 9.75 -11.74
CA VAL A 42 -23.99 8.49 -11.06
C VAL A 42 -24.11 7.31 -12.01
N TYR A 43 -23.87 7.54 -13.30
CA TYR A 43 -24.09 6.54 -14.32
C TYR A 43 -22.80 6.01 -14.95
N LEU A 44 -22.85 4.73 -15.32
CA LEU A 44 -21.85 4.09 -16.17
C LEU A 44 -22.54 3.72 -17.47
N TRP A 45 -21.78 3.68 -18.57
CA TRP A 45 -22.30 3.18 -19.84
C TRP A 45 -21.42 2.06 -20.34
N ASP A 46 -22.05 1.10 -21.03
CA ASP A 46 -21.31 -0.01 -21.63
C ASP A 46 -21.30 0.09 -23.16
N SER A 47 -20.59 -0.85 -23.77
CA SER A 47 -20.40 -0.85 -25.22
C SER A 47 -21.70 -1.14 -25.97
N GLU A 48 -22.71 -1.61 -25.26
CA GLU A 48 -24.01 -1.91 -25.88
C GLU A 48 -25.00 -0.75 -25.72
N GLY A 49 -24.56 0.32 -25.08
CA GLY A 49 -25.37 1.53 -24.97
C GLY A 49 -26.22 1.58 -23.71
N ASN A 50 -26.12 0.55 -22.87
CA ASN A 50 -26.90 0.53 -21.64
C ASN A 50 -26.37 1.52 -20.61
N LYS A 51 -27.30 2.21 -19.97
CA LYS A 51 -26.98 3.12 -18.88
C LYS A 51 -27.17 2.37 -17.58
N ILE A 52 -26.15 2.39 -16.72
CA ILE A 52 -26.15 1.65 -15.46
C ILE A 52 -26.07 2.63 -14.30
N ILE A 53 -26.92 2.43 -13.29
CA ILE A 53 -26.87 3.26 -12.11
C ILE A 53 -25.86 2.68 -11.16
N ASP A 54 -24.79 3.42 -10.87
CA ASP A 54 -23.82 2.92 -9.90
C ASP A 54 -24.19 3.32 -8.49
N GLY A 55 -25.00 2.46 -7.87
CA GLY A 55 -25.45 2.66 -6.53
C GLY A 55 -24.40 2.38 -5.45
N MET A 56 -23.15 2.13 -5.85
CA MET A 56 -22.06 1.87 -4.90
C MET A 56 -20.86 2.81 -5.09
N ALA A 57 -20.96 3.76 -6.01
CA ALA A 57 -19.88 4.73 -6.26
C ALA A 57 -18.52 4.04 -6.35
N GLY A 58 -18.41 3.12 -7.30
CA GLY A 58 -17.17 2.38 -7.46
C GLY A 58 -16.99 1.48 -6.26
N LEU A 59 -15.88 1.64 -5.55
CA LEU A 59 -15.67 0.91 -4.31
C LEU A 59 -16.01 1.80 -3.11
N TRP A 60 -17.28 2.22 -3.04
CA TRP A 60 -17.79 3.07 -1.97
C TRP A 60 -17.05 4.41 -1.91
N CYS A 61 -16.45 4.86 -3.01
CA CYS A 61 -15.47 5.93 -2.89
C CYS A 61 -15.58 7.07 -3.89
N VAL A 62 -16.37 6.92 -4.96
CA VAL A 62 -16.42 7.95 -6.01
C VAL A 62 -17.44 9.01 -5.56
N ASN A 63 -17.07 9.72 -4.50
CA ASN A 63 -18.04 10.53 -3.79
C ASN A 63 -18.51 11.74 -4.58
N VAL A 64 -17.64 12.28 -5.44
CA VAL A 64 -18.02 13.42 -6.27
C VAL A 64 -18.62 12.99 -7.61
N GLY A 65 -18.74 11.69 -7.83
CA GLY A 65 -19.26 11.18 -9.07
C GLY A 65 -18.23 11.07 -10.19
N TYR A 66 -18.68 10.49 -11.29
CA TYR A 66 -17.83 10.26 -12.45
C TYR A 66 -17.77 11.48 -13.35
N GLY A 67 -16.73 11.54 -14.15
CA GLY A 67 -16.66 12.55 -15.20
C GLY A 67 -16.00 13.87 -14.82
N ARG A 68 -15.18 13.87 -13.78
CA ARG A 68 -14.50 15.09 -13.35
C ARG A 68 -13.25 15.37 -14.21
N LYS A 69 -13.46 16.00 -15.35
CA LYS A 69 -12.33 16.29 -16.25
C LYS A 69 -11.37 17.29 -15.60
N ASP A 70 -11.86 18.09 -14.66
CA ASP A 70 -11.00 19.00 -13.93
C ASP A 70 -9.94 18.26 -13.11
N PHE A 71 -10.24 17.04 -12.68
CA PHE A 71 -9.25 16.27 -11.92
C PHE A 71 -8.13 15.81 -12.86
N ALA A 72 -8.47 15.49 -14.10
CA ALA A 72 -7.46 15.11 -15.07
C ALA A 72 -6.52 16.28 -15.35
N GLU A 73 -7.07 17.48 -15.41
CA GLU A 73 -6.25 18.67 -15.62
C GLU A 73 -5.31 18.90 -14.44
N ALA A 74 -5.82 18.67 -13.23
CA ALA A 74 -4.99 18.83 -12.04
C ALA A 74 -3.83 17.84 -12.06
N ALA A 75 -4.11 16.60 -12.45
CA ALA A 75 -3.05 15.60 -12.53
C ALA A 75 -2.04 15.93 -13.61
N ARG A 76 -2.55 16.33 -14.77
CA ARG A 76 -1.71 16.70 -15.89
C ARG A 76 -0.76 17.83 -15.49
N ARG A 77 -1.31 18.87 -14.90
CA ARG A 77 -0.53 20.03 -14.53
C ARG A 77 0.56 19.65 -13.52
N GLN A 78 0.19 18.89 -12.51
CA GLN A 78 1.16 18.54 -11.48
C GLN A 78 2.24 17.64 -12.05
N MET A 79 1.87 16.75 -12.97
CA MET A 79 2.87 15.84 -13.52
CA MET A 79 2.87 15.83 -13.50
C MET A 79 3.81 16.52 -14.49
N GLU A 80 3.33 17.53 -15.21
CA GLU A 80 4.19 18.27 -16.11
C GLU A 80 5.12 19.16 -15.32
N GLU A 81 4.61 19.74 -14.24
CA GLU A 81 5.36 20.76 -13.52
C GLU A 81 6.36 20.15 -12.54
N LEU A 82 5.87 19.25 -11.69
CA LEU A 82 6.67 18.76 -10.56
C LEU A 82 6.06 17.52 -9.91
N PRO A 83 6.27 16.34 -10.51
CA PRO A 83 5.65 15.15 -9.93
C PRO A 83 6.45 14.51 -8.81
N PHE A 84 7.61 15.05 -8.51
CA PHE A 84 8.49 14.49 -7.50
C PHE A 84 8.87 15.57 -6.52
N TYR A 85 9.27 15.14 -5.34
CA TYR A 85 10.05 16.00 -4.48
C TYR A 85 11.22 15.14 -4.01
N ASN A 86 12.16 15.75 -3.32
CA ASN A 86 13.33 15.00 -2.94
C ASN A 86 13.68 15.37 -1.52
N THR A 87 14.09 14.37 -0.75
CA THR A 87 14.45 14.60 0.65
C THR A 87 15.74 15.39 0.79
N PHE A 88 16.47 15.56 -0.31
CA PHE A 88 17.60 16.49 -0.35
C PHE A 88 17.14 17.85 0.19
N PHE A 89 15.89 18.20 -0.10
CA PHE A 89 15.30 19.42 0.40
C PHE A 89 14.66 19.18 1.77
N LYS A 90 14.70 20.18 2.63
CA LYS A 90 14.14 20.06 3.96
C LYS A 90 12.68 20.48 3.96
N THR A 91 12.17 20.80 2.77
CA THR A 91 10.82 21.32 2.60
C THR A 91 9.86 20.24 2.10
N THR A 92 8.56 20.46 2.31
CA THR A 92 7.52 19.56 1.81
C THR A 92 7.08 20.03 0.42
N HIS A 93 6.73 19.10 -0.47
CA HIS A 93 6.26 19.46 -1.81
C HIS A 93 5.04 20.37 -1.64
N PRO A 94 4.97 21.48 -2.38
CA PRO A 94 3.89 22.45 -2.21
C PRO A 94 2.47 21.90 -2.44
N ALA A 95 2.30 20.97 -3.36
CA ALA A 95 1.00 20.30 -3.54
C ALA A 95 0.54 19.56 -2.29
N VAL A 96 1.48 18.95 -1.58
CA VAL A 96 1.15 18.23 -0.35
C VAL A 96 0.87 19.21 0.77
N VAL A 97 1.66 20.29 0.84
CA VAL A 97 1.37 21.34 1.81
C VAL A 97 -0.04 21.88 1.61
N GLU A 98 -0.41 22.16 0.35
CA GLU A 98 -1.73 22.68 0.02
C GLU A 98 -2.82 21.70 0.44
N LEU A 99 -2.62 20.42 0.14
CA LEU A 99 -3.59 19.41 0.51
C LEU A 99 -3.76 19.35 2.02
N SER A 100 -2.65 19.34 2.74
CA SER A 100 -2.72 19.21 4.19
C SER A 100 -3.42 20.41 4.82
N SER A 101 -3.14 21.60 4.30
CA SER A 101 -3.75 22.83 4.80
C SER A 101 -5.27 22.81 4.61
N LEU A 102 -5.72 22.34 3.45
CA LEU A 102 -7.14 22.23 3.18
C LEU A 102 -7.78 21.16 4.05
N LEU A 103 -7.13 20.01 4.15
CA LEU A 103 -7.66 18.94 4.99
C LEU A 103 -7.86 19.41 6.42
N ALA A 104 -6.92 20.19 6.94
CA ALA A 104 -7.03 20.67 8.30
C ALA A 104 -8.31 21.47 8.52
N GLU A 105 -8.74 22.19 7.49
CA GLU A 105 -9.97 22.99 7.54
C GLU A 105 -11.24 22.14 7.61
N VAL A 106 -11.19 20.90 7.12
CA VAL A 106 -12.38 20.04 7.09
C VAL A 106 -12.35 18.86 8.06
N THR A 107 -11.19 18.51 8.55
CA THR A 107 -11.12 17.49 9.58
C THR A 107 -11.44 18.13 10.93
N PRO A 108 -11.83 17.31 11.91
CA PRO A 108 -12.04 17.80 13.27
C PRO A 108 -10.78 18.45 13.86
N ALA A 109 -10.97 19.19 14.94
CA ALA A 109 -9.85 19.82 15.64
C ALA A 109 -8.83 18.78 16.09
N GLY A 110 -7.56 19.15 15.98
CA GLY A 110 -6.47 18.38 16.57
C GLY A 110 -5.74 17.43 15.64
N PHE A 111 -6.12 17.40 14.36
CA PHE A 111 -5.58 16.42 13.42
C PHE A 111 -4.64 16.99 12.35
N ASP A 112 -3.88 18.00 12.72
CA ASP A 112 -3.00 18.64 11.76
C ASP A 112 -1.91 17.68 11.24
N ARG A 113 -1.52 16.66 12.03
CA ARG A 113 -0.47 15.73 11.58
C ARG A 113 -1.07 14.62 10.73
N VAL A 114 -0.66 14.57 9.47
CA VAL A 114 -1.17 13.59 8.54
C VAL A 114 -0.01 12.81 7.93
N PHE A 115 -0.18 11.49 7.84
CA PHE A 115 0.82 10.61 7.26
C PHE A 115 0.16 10.01 6.03
N TYR A 116 0.58 10.39 4.84
CA TYR A 116 -0.04 9.90 3.61
C TYR A 116 0.47 8.53 3.23
N THR A 117 -0.41 7.75 2.63
CA THR A 117 -0.10 6.42 2.13
C THR A 117 -0.68 6.28 0.72
N ASN A 118 -0.52 5.10 0.13
CA ASN A 118 -1.13 4.87 -1.19
C ASN A 118 -2.49 4.20 -1.16
N SER A 119 -2.97 3.79 0.00
CA SER A 119 -4.23 3.08 0.08
C SER A 119 -4.76 3.00 1.49
N GLY A 120 -6.03 2.68 1.62
CA GLY A 120 -6.61 2.45 2.93
C GLY A 120 -5.95 1.28 3.62
N SER A 121 -5.55 0.24 2.88
CA SER A 121 -4.90 -0.91 3.50
C SER A 121 -3.57 -0.51 4.11
N GLU A 122 -2.80 0.28 3.38
CA GLU A 122 -1.54 0.80 3.91
C GLU A 122 -1.77 1.73 5.11
N SER A 123 -2.83 2.53 5.09
CA SER A 123 -3.16 3.39 6.22
C SER A 123 -3.40 2.57 7.48
N VAL A 124 -4.16 1.50 7.37
CA VAL A 124 -4.45 0.66 8.51
C VAL A 124 -3.14 0.04 9.04
N ASP A 125 -2.32 -0.46 8.13
CA ASP A 125 -1.07 -1.08 8.52
C ASP A 125 -0.18 -0.09 9.26
N THR A 126 -0.07 1.13 8.75
CA THR A 126 0.73 2.17 9.37
C THR A 126 0.16 2.53 10.74
N MET A 127 -1.17 2.63 10.81
CA MET A 127 -1.82 2.95 12.07
C MET A 127 -1.49 1.91 13.15
N ILE A 128 -1.46 0.65 12.77
CA ILE A 128 -1.13 -0.40 13.74
C ILE A 128 0.28 -0.18 14.30
N ARG A 129 1.22 0.10 13.40
CA ARG A 129 2.59 0.36 13.83
C ARG A 129 2.66 1.62 14.70
N MET A 130 1.90 2.65 14.36
CA MET A 130 1.89 3.89 15.13
C MET A 130 1.35 3.70 16.54
N VAL A 131 0.27 2.97 16.65
CA VAL A 131 -0.32 2.73 17.95
C VAL A 131 0.69 2.00 18.86
N ARG A 132 1.36 0.98 18.33
CA ARG A 132 2.30 0.23 19.12
C ARG A 132 3.53 1.08 19.50
N ARG A 133 4.03 1.87 18.56
CA ARG A 133 5.18 2.71 18.83
C ARG A 133 4.83 3.79 19.85
N TYR A 134 3.62 4.33 19.79
CA TYR A 134 3.19 5.33 20.76
C TYR A 134 3.38 4.79 22.18
N TRP A 135 2.92 3.58 22.43
CA TRP A 135 3.03 3.02 23.77
C TRP A 135 4.47 2.71 24.16
N ASP A 136 5.29 2.31 23.20
CA ASP A 136 6.72 2.18 23.45
C ASP A 136 7.30 3.51 23.97
N VAL A 137 6.96 4.60 23.30
CA VAL A 137 7.51 5.91 23.65
C VAL A 137 7.06 6.30 25.06
N GLN A 138 5.85 5.89 25.42
CA GLN A 138 5.31 6.17 26.73
C GLN A 138 5.91 5.29 27.83
N GLY A 139 6.80 4.37 27.46
CA GLY A 139 7.38 3.47 28.45
C GLY A 139 6.46 2.32 28.84
N LYS A 140 5.55 1.97 27.95
CA LYS A 140 4.64 0.85 28.17
C LYS A 140 4.72 -0.14 27.01
N PRO A 141 5.86 -0.82 26.88
CA PRO A 141 6.11 -1.76 25.77
C PRO A 141 5.19 -2.98 25.76
N GLU A 142 4.48 -3.26 26.85
CA GLU A 142 3.54 -4.37 26.90
C GLU A 142 2.20 -4.07 26.26
N LYS A 143 1.92 -2.79 26.07
CA LYS A 143 0.61 -2.35 25.63
C LYS A 143 0.60 -2.43 24.13
N LYS A 144 0.27 -3.61 23.61
CA LYS A 144 0.46 -3.86 22.19
C LYS A 144 -0.71 -4.54 21.51
N THR A 145 -1.71 -4.98 22.27
CA THR A 145 -2.82 -5.68 21.64
C THR A 145 -3.85 -4.69 21.12
N LEU A 146 -4.22 -4.86 19.85
CA LEU A 146 -5.32 -4.10 19.28
C LEU A 146 -6.56 -4.98 19.25
N ILE A 147 -7.70 -4.38 19.57
CA ILE A 147 -8.99 -5.06 19.57
C ILE A 147 -9.84 -4.54 18.42
N GLY A 148 -10.31 -5.45 17.59
CA GLY A 148 -11.30 -5.17 16.57
C GLY A 148 -12.57 -5.97 16.82
N ARG A 149 -13.33 -6.23 15.76
CA ARG A 149 -14.65 -6.85 15.85
C ARG A 149 -14.82 -7.91 14.79
N TRP A 150 -15.54 -8.96 15.14
CA TRP A 150 -16.00 -9.90 14.15
C TRP A 150 -16.83 -9.13 13.12
N ASN A 151 -16.61 -9.45 11.84
CA ASN A 151 -17.28 -8.79 10.72
C ASN A 151 -16.82 -7.34 10.50
N GLY A 152 -15.70 -6.98 11.12
CA GLY A 152 -15.04 -5.73 10.82
C GLY A 152 -14.09 -5.91 9.67
N TYR A 153 -13.87 -4.87 8.89
CA TYR A 153 -12.96 -4.96 7.75
C TYR A 153 -12.05 -3.76 7.70
N HIS A 154 -10.75 -4.04 7.59
CA HIS A 154 -9.72 -3.01 7.66
C HIS A 154 -8.65 -3.26 6.63
N GLY A 155 -9.07 -3.70 5.45
CA GLY A 155 -8.17 -3.83 4.33
C GLY A 155 -7.49 -5.18 4.28
N SER A 156 -6.49 -5.28 3.39
CA SER A 156 -5.98 -6.59 3.03
C SER A 156 -4.50 -6.84 3.29
N THR A 157 -3.83 -5.96 4.00
CA THR A 157 -2.48 -6.34 4.42
C THR A 157 -2.61 -7.45 5.47
N ILE A 158 -1.51 -8.13 5.75
CA ILE A 158 -1.50 -9.13 6.81
C ILE A 158 -1.97 -8.49 8.12
N GLY A 159 -1.46 -7.31 8.42
CA GLY A 159 -1.87 -6.59 9.63
C GLY A 159 -3.34 -6.24 9.63
N GLY A 160 -3.81 -5.69 8.52
CA GLY A 160 -5.20 -5.29 8.42
C GLY A 160 -6.16 -6.45 8.46
N ALA A 161 -5.80 -7.54 7.83
CA ALA A 161 -6.65 -8.72 7.80
C ALA A 161 -6.76 -9.32 9.19
N SER A 162 -5.68 -9.22 9.96
CA SER A 162 -5.67 -9.72 11.33
C SER A 162 -6.55 -8.88 12.26
N LEU A 163 -6.56 -7.59 12.05
CA LEU A 163 -7.37 -6.67 12.86
C LEU A 163 -8.85 -6.78 12.45
N GLY A 164 -9.10 -6.97 11.16
CA GLY A 164 -10.43 -7.29 10.67
C GLY A 164 -10.91 -8.59 11.28
N GLY A 165 -12.20 -8.84 11.12
CA GLY A 165 -12.84 -9.99 11.72
C GLY A 165 -13.62 -10.85 10.75
N MET A 166 -13.14 -10.97 9.52
CA MET A 166 -13.80 -11.84 8.54
C MET A 166 -13.36 -13.29 8.75
N LYS A 167 -14.33 -14.16 8.99
CA LYS A 167 -14.06 -15.56 9.33
C LYS A 167 -13.26 -16.23 8.23
N TYR A 168 -13.53 -15.92 7.05
CA TYR A 168 -12.86 -16.60 5.95
C TYR A 168 -11.42 -16.14 5.84
N MET A 169 -11.20 -14.83 6.04
CA MET A 169 -9.86 -14.27 5.96
C MET A 169 -8.96 -14.93 6.98
N HIS A 170 -9.50 -15.23 8.17
CA HIS A 170 -8.68 -15.81 9.22
C HIS A 170 -8.42 -17.30 8.93
N ASP A 174 -0.58 -18.03 11.53
CA ASP A 174 -1.30 -17.48 10.37
C ASP A 174 -2.07 -16.22 10.72
N LEU A 175 -3.39 -16.17 10.46
CA LEU A 175 -4.16 -14.96 10.82
C LEU A 175 -5.10 -15.31 11.96
N PRO A 176 -5.19 -14.42 12.95
CA PRO A 176 -4.48 -13.14 13.08
C PRO A 176 -3.06 -13.27 13.61
N ILE A 177 -2.23 -12.29 13.27
CA ILE A 177 -0.92 -12.15 13.89
C ILE A 177 -1.07 -11.86 15.38
N PRO A 178 0.02 -11.99 16.14
CA PRO A 178 -0.09 -11.79 17.59
C PRO A 178 -0.53 -10.39 17.98
N GLY A 179 -1.13 -10.26 19.16
CA GLY A 179 -1.51 -8.94 19.65
C GLY A 179 -2.74 -8.40 18.95
N MET A 180 -3.64 -9.30 18.58
CA MET A 180 -4.91 -8.94 17.94
C MET A 180 -6.02 -9.73 18.59
N ALA A 181 -7.06 -9.05 19.02
CA ALA A 181 -8.21 -9.69 19.63
C ALA A 181 -9.47 -9.12 19.03
N HIS A 182 -10.59 -9.81 19.23
CA HIS A 182 -11.84 -9.42 18.62
C HIS A 182 -13.00 -9.59 19.55
N ILE A 183 -13.94 -8.64 19.45
CA ILE A 183 -15.22 -8.73 20.15
C ILE A 183 -16.36 -8.81 19.14
N GLU A 184 -17.53 -9.20 19.62
CA GLU A 184 -18.69 -9.33 18.75
C GLU A 184 -19.15 -7.96 18.25
N GLN A 185 -19.77 -7.97 17.08
CA GLN A 185 -20.22 -6.75 16.43
C GLN A 185 -21.59 -6.31 16.95
N PRO A 186 -21.86 -4.99 16.90
CA PRO A 186 -23.13 -4.48 17.42
C PRO A 186 -24.27 -4.60 16.41
N TRP A 187 -24.57 -5.86 16.02
CA TRP A 187 -25.61 -6.22 15.08
C TRP A 187 -26.87 -6.64 15.87
N TRP A 188 -27.74 -5.68 16.10
CA TRP A 188 -28.93 -5.87 16.93
C TRP A 188 -29.85 -6.96 16.37
N TYR A 189 -29.99 -6.99 15.05
CA TYR A 189 -30.99 -7.89 14.47
C TYR A 189 -30.70 -9.32 14.90
N LYS A 190 -29.42 -9.69 14.96
CA LYS A 190 -29.00 -11.03 15.31
C LYS A 190 -28.79 -11.22 16.80
N HIS A 191 -28.14 -10.25 17.45
CA HIS A 191 -27.65 -10.39 18.80
C HIS A 191 -28.47 -9.66 19.85
N GLY A 192 -29.49 -8.95 19.40
CA GLY A 192 -30.26 -8.08 20.29
C GLY A 192 -31.16 -8.74 21.29
N LYS A 193 -31.54 -9.98 21.04
CA LYS A 193 -32.42 -10.71 21.96
C LYS A 193 -33.67 -9.87 22.20
N ASP A 194 -34.04 -9.65 23.46
CA ASP A 194 -35.22 -8.84 23.74
CA ASP A 194 -35.22 -8.84 23.77
C ASP A 194 -34.84 -7.46 24.31
N MET A 195 -33.63 -7.02 23.99
CA MET A 195 -33.14 -5.70 24.33
C MET A 195 -33.64 -4.70 23.31
N THR A 196 -33.92 -3.48 23.75
CA THR A 196 -34.10 -2.39 22.82
C THR A 196 -32.73 -2.07 22.17
N PRO A 197 -32.73 -1.39 21.01
CA PRO A 197 -31.44 -0.98 20.42
C PRO A 197 -30.58 -0.19 21.38
N ASP A 198 -31.13 0.76 22.12
CA ASP A 198 -30.30 1.52 23.06
C ASP A 198 -29.71 0.65 24.18
N GLU A 199 -30.51 -0.26 24.75
CA GLU A 199 -29.99 -1.19 25.75
C GLU A 199 -28.89 -2.05 25.15
N PHE A 200 -29.13 -2.53 23.92
CA PHE A 200 -28.16 -3.38 23.25
C PHE A 200 -26.85 -2.64 22.95
N GLY A 201 -26.95 -1.37 22.61
CA GLY A 201 -25.75 -0.59 22.36
C GLY A 201 -24.83 -0.57 23.55
N VAL A 202 -25.39 -0.41 24.74
CA VAL A 202 -24.59 -0.43 25.95
C VAL A 202 -23.96 -1.82 26.19
N VAL A 203 -24.77 -2.86 26.07
CA VAL A 203 -24.28 -4.22 26.21
C VAL A 203 -23.16 -4.54 25.21
N ALA A 204 -23.37 -4.20 23.93
CA ALA A 204 -22.40 -4.51 22.90
C ALA A 204 -21.11 -3.74 23.10
N ALA A 205 -21.21 -2.50 23.57
CA ALA A 205 -20.02 -1.74 23.90
C ALA A 205 -19.29 -2.35 25.09
N ARG A 206 -20.04 -2.81 26.08
CA ARG A 206 -19.42 -3.42 27.24
C ARG A 206 -18.69 -4.73 26.94
N TRP A 207 -18.97 -5.36 25.80
CA TRP A 207 -18.12 -6.46 25.36
C TRP A 207 -16.65 -6.00 25.24
N LEU A 208 -16.42 -4.75 24.89
CA LEU A 208 -15.05 -4.21 24.86
C LEU A 208 -14.43 -4.20 26.24
N GLU A 209 -15.18 -3.73 27.24
CA GLU A 209 -14.68 -3.74 28.61
C GLU A 209 -14.36 -5.16 29.06
N GLU A 210 -15.24 -6.10 28.79
CA GLU A 210 -15.01 -7.50 29.13
CA GLU A 210 -15.00 -7.49 29.13
C GLU A 210 -13.69 -8.00 28.54
N LYS A 211 -13.46 -7.72 27.27
CA LYS A 211 -12.25 -8.17 26.59
C LYS A 211 -11.00 -7.49 27.14
N ILE A 212 -11.06 -6.17 27.34
CA ILE A 212 -9.95 -5.44 27.94
C ILE A 212 -9.60 -6.04 29.29
N LEU A 213 -10.61 -6.33 30.11
CA LEU A 213 -10.37 -6.86 31.44
C LEU A 213 -9.83 -8.29 31.42
N GLU A 214 -10.24 -9.06 30.41
CA GLU A 214 -9.75 -10.43 30.24
C GLU A 214 -8.26 -10.44 29.90
N ILE A 215 -7.88 -9.60 28.94
CA ILE A 215 -6.49 -9.49 28.48
C ILE A 215 -5.63 -8.80 29.52
N GLY A 216 -6.21 -7.81 30.19
CA GLY A 216 -5.50 -6.89 31.05
C GLY A 216 -5.26 -5.58 30.35
N ALA A 217 -5.75 -4.48 30.90
CA ALA A 217 -5.63 -3.18 30.24
C ALA A 217 -4.18 -2.81 29.95
N ASP A 218 -3.27 -3.25 30.80
CA ASP A 218 -1.84 -2.98 30.65
CA ASP A 218 -1.84 -2.97 30.65
C ASP A 218 -1.25 -3.62 29.39
N LYS A 219 -2.01 -4.53 28.77
CA LYS A 219 -1.55 -5.14 27.53
C LYS A 219 -2.31 -4.69 26.29
N VAL A 220 -3.26 -3.79 26.46
CA VAL A 220 -4.11 -3.36 25.34
C VAL A 220 -3.71 -1.96 24.87
N ALA A 221 -3.39 -1.87 23.59
CA ALA A 221 -3.01 -0.61 22.96
C ALA A 221 -4.18 0.24 22.43
N ALA A 222 -5.16 -0.40 21.81
CA ALA A 222 -6.21 0.35 21.08
C ALA A 222 -7.40 -0.52 20.77
N PHE A 223 -8.53 0.16 20.59
CA PHE A 223 -9.71 -0.41 19.97
C PHE A 223 -9.90 0.31 18.64
N VAL A 224 -10.19 -0.45 17.58
CA VAL A 224 -10.33 0.08 16.23
C VAL A 224 -11.69 -0.32 15.68
N GLY A 225 -12.43 0.62 15.14
CA GLY A 225 -13.66 0.28 14.45
C GLY A 225 -14.06 1.26 13.37
N GLU A 226 -14.70 0.73 12.35
CA GLU A 226 -15.46 1.55 11.40
C GLU A 226 -16.69 2.11 12.10
N PRO A 227 -16.97 3.43 11.94
CA PRO A 227 -18.16 3.97 12.61
C PRO A 227 -19.42 3.20 12.26
N ILE A 228 -19.57 2.90 10.97
CA ILE A 228 -20.56 1.97 10.45
C ILE A 228 -19.75 0.90 9.73
N GLN A 229 -19.96 -0.37 10.05
CA GLN A 229 -19.23 -1.43 9.37
C GLN A 229 -19.70 -1.52 7.93
N GLY A 230 -18.76 -1.42 6.99
CA GLY A 230 -19.08 -1.32 5.57
C GLY A 230 -19.22 -2.67 4.89
N ALA A 231 -18.10 -3.34 4.65
CA ALA A 231 -18.09 -4.66 4.01
C ALA A 231 -18.90 -5.68 4.80
N GLY A 232 -19.03 -5.46 6.10
CA GLY A 232 -19.84 -6.33 6.94
C GLY A 232 -21.34 -6.19 6.73
N GLY A 233 -21.77 -5.17 5.96
CA GLY A 233 -23.17 -5.02 5.62
C GLY A 233 -23.85 -3.75 6.09
N VAL A 234 -23.11 -2.66 6.28
CA VAL A 234 -23.70 -1.39 6.73
C VAL A 234 -24.42 -1.65 8.06
N ILE A 235 -23.62 -2.14 9.01
CA ILE A 235 -24.13 -2.42 10.35
C ILE A 235 -24.05 -1.11 11.10
N VAL A 236 -25.20 -0.53 11.40
CA VAL A 236 -25.29 0.79 11.99
C VAL A 236 -25.54 0.57 13.48
N PRO A 237 -24.60 0.96 14.32
CA PRO A 237 -24.77 0.67 15.74
C PRO A 237 -25.82 1.59 16.39
N PRO A 238 -26.37 1.19 17.53
CA PRO A 238 -27.30 2.07 18.23
C PRO A 238 -26.59 3.34 18.71
N ALA A 239 -27.38 4.37 19.01
CA ALA A 239 -26.85 5.65 19.41
C ALA A 239 -26.03 5.59 20.72
N THR A 240 -26.34 4.64 21.59
CA THR A 240 -25.65 4.50 22.85
C THR A 240 -24.28 3.81 22.72
N TYR A 241 -23.98 3.22 21.55
CA TYR A 241 -22.78 2.37 21.39
C TYR A 241 -21.45 3.12 21.49
N TRP A 242 -21.24 4.07 20.59
CA TRP A 242 -19.94 4.72 20.52
C TRP A 242 -19.62 5.53 21.77
N PRO A 243 -20.59 6.22 22.37
CA PRO A 243 -20.23 6.91 23.61
C PRO A 243 -19.77 5.96 24.72
N GLU A 244 -20.35 4.76 24.79
CA GLU A 244 -19.95 3.80 25.80
C GLU A 244 -18.58 3.18 25.44
N ILE A 245 -18.35 2.88 24.16
CA ILE A 245 -17.01 2.47 23.72
C ILE A 245 -15.99 3.51 24.17
N GLU A 246 -16.26 4.78 23.92
CA GLU A 246 -15.29 5.80 24.26
C GLU A 246 -15.08 5.89 25.78
N ARG A 247 -16.15 5.83 26.57
CA ARG A 247 -16.01 5.84 28.01
C ARG A 247 -15.07 4.73 28.46
N ILE A 248 -15.26 3.54 27.92
CA ILE A 248 -14.46 2.39 28.26
C ILE A 248 -13.00 2.58 27.85
N CYS A 249 -12.76 3.01 26.63
CA CYS A 249 -11.37 3.23 26.21
C CYS A 249 -10.66 4.23 27.13
N ARG A 250 -11.35 5.31 27.48
CA ARG A 250 -10.71 6.33 28.28
C ARG A 250 -10.45 5.81 29.71
N LYS A 251 -11.39 5.07 30.26
CA LYS A 251 -11.24 4.51 31.60
C LYS A 251 -10.00 3.64 31.73
N TYR A 252 -9.71 2.88 30.67
CA TYR A 252 -8.67 1.86 30.71
C TYR A 252 -7.38 2.24 29.99
N ASP A 253 -7.21 3.53 29.65
CA ASP A 253 -5.99 4.02 29.01
CA ASP A 253 -5.99 4.02 29.01
C ASP A 253 -5.73 3.28 27.69
N VAL A 254 -6.78 3.15 26.89
CA VAL A 254 -6.70 2.49 25.58
C VAL A 254 -7.00 3.52 24.48
N LEU A 255 -6.19 3.53 23.43
CA LEU A 255 -6.46 4.45 22.32
C LEU A 255 -7.70 4.04 21.54
N LEU A 256 -8.33 5.02 20.92
CA LEU A 256 -9.57 4.82 20.17
C LEU A 256 -9.31 5.23 18.73
N VAL A 257 -9.53 4.31 17.80
CA VAL A 257 -9.23 4.54 16.39
C VAL A 257 -10.49 4.34 15.54
N ALA A 258 -10.80 5.33 14.70
CA ALA A 258 -11.88 5.19 13.73
C ALA A 258 -11.29 4.84 12.38
N ASP A 259 -11.87 3.86 11.71
CA ASP A 259 -11.51 3.56 10.35
C ASP A 259 -12.54 4.20 9.45
N GLU A 260 -12.14 5.29 8.80
CA GLU A 260 -13.02 6.11 7.96
C GLU A 260 -12.91 5.73 6.49
N VAL A 261 -12.49 4.49 6.23
CA VAL A 261 -12.37 3.97 4.86
C VAL A 261 -13.58 4.26 3.99
N ILE A 262 -14.75 4.04 4.54
CA ILE A 262 -15.98 4.24 3.80
C ILE A 262 -16.76 5.46 4.30
N CYS A 263 -16.74 5.69 5.60
CA CYS A 263 -17.52 6.77 6.17
C CYS A 263 -16.88 8.13 5.93
N GLY A 264 -15.62 8.18 5.52
CA GLY A 264 -14.95 9.46 5.36
C GLY A 264 -15.43 10.25 4.15
N PHE A 265 -15.18 11.55 4.20
CA PHE A 265 -15.41 12.46 3.07
C PHE A 265 -16.88 12.57 2.68
N GLY A 266 -17.71 12.68 3.71
CA GLY A 266 -19.09 13.14 3.57
C GLY A 266 -20.15 12.08 3.50
N ARG A 267 -19.76 10.82 3.56
CA ARG A 267 -20.70 9.71 3.37
C ARG A 267 -21.91 9.73 4.32
N THR A 268 -21.71 10.14 5.56
CA THR A 268 -22.81 10.17 6.55
C THR A 268 -23.48 11.54 6.64
N GLY A 269 -22.97 12.51 5.90
CA GLY A 269 -23.45 13.88 5.98
C GLY A 269 -22.51 14.75 6.79
N GLU A 270 -21.82 14.15 7.74
CA GLU A 270 -20.67 14.81 8.36
C GLU A 270 -19.47 14.56 7.49
N TRP A 271 -18.40 15.32 7.68
CA TRP A 271 -17.18 15.02 6.96
C TRP A 271 -16.69 13.61 7.28
N PHE A 272 -16.79 13.18 8.54
CA PHE A 272 -16.34 11.86 8.96
C PHE A 272 -17.37 11.17 9.82
N GLY A 273 -17.44 9.85 9.72
CA GLY A 273 -18.44 9.09 10.45
C GLY A 273 -18.36 9.28 11.94
N HIS A 274 -17.16 9.41 12.49
CA HIS A 274 -17.04 9.54 13.95
C HIS A 274 -17.69 10.82 14.45
N GLN A 275 -17.78 11.81 13.59
CA GLN A 275 -18.49 13.05 13.92
C GLN A 275 -19.98 12.83 14.05
N HIS A 276 -20.54 12.01 13.16
CA HIS A 276 -21.96 11.72 13.21
C HIS A 276 -22.30 10.98 14.50
N PHE A 277 -21.47 10.00 14.86
CA PHE A 277 -21.73 9.16 16.03
C PHE A 277 -21.23 9.77 17.33
N GLY A 278 -20.49 10.87 17.21
CA GLY A 278 -20.12 11.63 18.39
C GLY A 278 -19.07 11.01 19.27
N PHE A 279 -18.02 10.49 18.64
CA PHE A 279 -16.84 10.08 19.40
C PHE A 279 -15.58 10.73 18.86
N GLN A 280 -14.56 10.79 19.70
CA GLN A 280 -13.34 11.50 19.42
C GLN A 280 -12.17 10.53 19.36
N PRO A 281 -11.85 10.02 18.17
CA PRO A 281 -10.74 9.10 18.08
C PRO A 281 -9.39 9.79 18.24
N ASP A 282 -8.38 9.04 18.62
CA ASP A 282 -7.01 9.54 18.77
C ASP A 282 -6.26 9.55 17.45
N LEU A 283 -6.69 8.69 16.52
CA LEU A 283 -6.22 8.66 15.12
C LEU A 283 -7.37 8.15 14.29
N PHE A 284 -7.36 8.43 12.99
CA PHE A 284 -8.29 7.77 12.10
C PHE A 284 -7.64 7.56 10.74
N THR A 285 -8.09 6.51 10.07
CA THR A 285 -7.54 6.10 8.79
C THR A 285 -8.49 6.47 7.66
N ALA A 286 -7.92 6.79 6.50
CA ALA A 286 -8.69 7.15 5.32
C ALA A 286 -8.11 6.45 4.10
N ALA A 287 -8.95 6.21 3.11
CA ALA A 287 -8.57 5.46 1.91
C ALA A 287 -8.82 6.36 0.72
N LYS A 288 -9.06 5.80 -0.46
CA LYS A 288 -9.04 6.60 -1.67
C LYS A 288 -10.30 7.47 -1.88
N GLY A 289 -11.29 7.39 -0.98
CA GLY A 289 -12.33 8.42 -0.92
C GLY A 289 -11.73 9.85 -0.88
N LEU A 290 -10.53 9.94 -0.33
CA LEU A 290 -9.79 11.20 -0.27
C LEU A 290 -9.62 11.84 -1.68
N SER A 291 -9.56 11.00 -2.70
CA SER A 291 -9.47 11.46 -4.09
C SER A 291 -10.67 11.05 -4.95
N SER A 292 -11.76 10.61 -4.32
CA SER A 292 -12.90 9.99 -5.01
C SER A 292 -12.45 8.84 -5.91
N GLY A 293 -11.31 8.22 -5.56
CA GLY A 293 -10.82 7.08 -6.31
C GLY A 293 -10.08 7.41 -7.59
N TYR A 294 -10.00 8.68 -7.93
CA TYR A 294 -9.40 9.06 -9.23
C TYR A 294 -7.90 8.74 -9.31
N LEU A 295 -7.19 8.80 -8.18
CA LEU A 295 -5.83 8.27 -8.05
C LEU A 295 -5.71 7.59 -6.69
N PRO A 296 -4.81 6.61 -6.58
CA PRO A 296 -4.65 5.91 -5.30
C PRO A 296 -4.01 6.78 -4.25
N ILE A 297 -4.64 6.84 -3.09
CA ILE A 297 -4.09 7.58 -1.97
C ILE A 297 -4.81 7.11 -0.71
N GLY A 298 -4.19 7.32 0.42
CA GLY A 298 -4.80 7.14 1.73
C GLY A 298 -4.09 8.02 2.73
N ALA A 299 -4.55 7.99 3.98
CA ALA A 299 -3.85 8.74 5.03
C ALA A 299 -4.17 8.22 6.40
N VAL A 300 -3.24 8.45 7.32
CA VAL A 300 -3.52 8.34 8.74
C VAL A 300 -3.53 9.77 9.29
N PHE A 301 -4.67 10.14 9.87
CA PHE A 301 -4.82 11.41 10.58
C PHE A 301 -4.52 11.18 12.05
N VAL A 302 -3.51 11.87 12.55
CA VAL A 302 -3.01 11.59 13.89
C VAL A 302 -3.33 12.76 14.80
N GLY A 303 -4.09 12.48 15.85
CA GLY A 303 -4.49 13.52 16.79
C GLY A 303 -3.34 14.02 17.61
N LYS A 304 -3.58 15.14 18.28
CA LYS A 304 -2.52 15.88 18.97
C LYS A 304 -1.73 15.01 19.94
N ARG A 305 -2.42 14.28 20.80
CA ARG A 305 -1.76 13.53 21.86
C ARG A 305 -0.86 12.44 21.30
N VAL A 306 -1.38 11.66 20.36
CA VAL A 306 -0.56 10.61 19.80
C VAL A 306 0.56 11.17 18.92
N ALA A 307 0.28 12.26 18.20
CA ALA A 307 1.32 12.87 17.38
C ALA A 307 2.49 13.33 18.24
N GLU A 308 2.22 13.96 19.38
CA GLU A 308 3.27 14.43 20.25
C GLU A 308 4.15 13.27 20.70
N GLY A 309 3.53 12.14 21.02
CA GLY A 309 4.26 10.96 21.41
C GLY A 309 5.11 10.40 20.28
N LEU A 310 4.52 10.27 19.09
CA LEU A 310 5.26 9.74 17.95
C LEU A 310 6.43 10.63 17.56
N ILE A 311 6.22 11.94 17.57
CA ILE A 311 7.28 12.86 17.16
C ILE A 311 8.44 12.78 18.15
N ALA A 312 8.13 12.62 19.44
CA ALA A 312 9.17 12.42 20.46
C ALA A 312 10.00 11.18 20.16
N GLY A 313 9.34 10.11 19.70
CA GLY A 313 10.04 8.90 19.31
C GLY A 313 10.84 9.00 18.01
N GLY A 314 10.34 9.79 17.07
CA GLY A 314 11.07 10.08 15.84
C GLY A 314 10.83 9.16 14.65
N ASP A 315 10.25 7.98 14.90
CA ASP A 315 10.20 6.92 13.89
C ASP A 315 9.34 7.25 12.67
N PHE A 316 8.36 8.14 12.84
CA PHE A 316 7.46 8.48 11.76
C PHE A 316 7.69 9.89 11.22
N ASN A 317 8.76 10.55 11.66
CA ASN A 317 8.98 11.94 11.31
C ASN A 317 9.25 12.12 9.82
N HIS A 318 10.00 11.18 9.25
CA HIS A 318 10.28 11.21 7.84
C HIS A 318 8.96 11.21 7.04
N GLY A 319 8.04 10.34 7.43
CA GLY A 319 6.78 10.23 6.73
C GLY A 319 5.89 11.44 6.94
N PHE A 320 5.88 11.96 8.16
CA PHE A 320 5.12 13.17 8.44
C PHE A 320 5.57 14.32 7.55
N THR A 321 6.85 14.34 7.21
CA THR A 321 7.42 15.43 6.42
C THR A 321 7.31 15.14 4.93
N TYR A 322 7.62 13.90 4.54
CA TYR A 322 7.85 13.62 3.13
C TYR A 322 6.81 12.77 2.44
N SER A 323 5.84 12.26 3.20
CA SER A 323 4.84 11.38 2.61
C SER A 323 3.92 12.13 1.67
N GLY A 324 3.38 11.39 0.71
CA GLY A 324 2.36 11.91 -0.18
C GLY A 324 2.91 12.06 -1.58
N HIS A 325 2.37 11.28 -2.49
CA HIS A 325 2.75 11.39 -3.89
C HIS A 325 2.15 12.69 -4.40
N PRO A 326 2.97 13.58 -4.93
CA PRO A 326 2.44 14.92 -5.24
C PRO A 326 1.33 14.94 -6.29
N VAL A 327 1.37 14.03 -7.26
CA VAL A 327 0.32 14.00 -8.28
C VAL A 327 -0.99 13.54 -7.65
N CYS A 328 -0.93 12.49 -6.85
CA CYS A 328 -2.13 12.03 -6.15
C CYS A 328 -2.63 13.11 -5.18
N ALA A 329 -1.71 13.83 -4.57
CA ALA A 329 -2.09 14.90 -3.66
C ALA A 329 -2.81 16.04 -4.38
N ALA A 330 -2.39 16.39 -5.59
CA ALA A 330 -3.03 17.45 -6.36
C ALA A 330 -4.46 17.07 -6.72
N VAL A 331 -4.67 15.80 -7.05
CA VAL A 331 -6.02 15.35 -7.36
C VAL A 331 -6.88 15.29 -6.10
N ALA A 332 -6.32 14.78 -5.01
CA ALA A 332 -7.04 14.77 -3.73
C ALA A 332 -7.41 16.20 -3.31
N HIS A 333 -6.52 17.14 -3.52
CA HIS A 333 -6.84 18.52 -3.19
C HIS A 333 -8.03 19.03 -4.02
N ALA A 334 -8.02 18.78 -5.33
CA ALA A 334 -9.15 19.17 -6.17
C ALA A 334 -10.44 18.51 -5.68
N ASN A 335 -10.33 17.26 -5.23
CA ASN A 335 -11.50 16.52 -4.78
C ASN A 335 -12.08 17.09 -3.49
N VAL A 336 -11.22 17.34 -2.52
CA VAL A 336 -11.67 17.86 -1.24
C VAL A 336 -12.22 19.28 -1.42
N ALA A 337 -11.55 20.08 -2.24
CA ALA A 337 -12.04 21.43 -2.55
C ALA A 337 -13.42 21.39 -3.16
N ALA A 338 -13.66 20.43 -4.05
CA ALA A 338 -14.99 20.30 -4.66
C ALA A 338 -16.01 19.89 -3.61
N LEU A 339 -15.65 18.91 -2.79
CA LEU A 339 -16.57 18.45 -1.75
C LEU A 339 -17.04 19.56 -0.84
N ARG A 340 -16.14 20.48 -0.52
CA ARG A 340 -16.48 21.62 0.32
C ARG A 340 -17.11 22.77 -0.48
N ASP A 341 -16.38 23.26 -1.48
CA ASP A 341 -16.76 24.51 -2.13
C ASP A 341 -17.98 24.40 -3.04
N GLU A 342 -18.23 23.20 -3.56
CA GLU A 342 -19.44 22.95 -4.35
C GLU A 342 -20.61 22.53 -3.46
N GLY A 343 -20.40 22.52 -2.15
CA GLY A 343 -21.51 22.28 -1.21
C GLY A 343 -21.96 20.84 -1.12
N ILE A 344 -21.15 19.91 -1.64
CA ILE A 344 -21.56 18.51 -1.73
C ILE A 344 -21.80 17.86 -0.36
N VAL A 345 -20.84 18.01 0.55
CA VAL A 345 -21.00 17.41 1.87
C VAL A 345 -22.16 18.06 2.61
N GLN A 346 -22.24 19.38 2.58
CA GLN A 346 -23.32 20.08 3.27
C GLN A 346 -24.68 19.64 2.73
N ARG A 347 -24.75 19.38 1.43
CA ARG A 347 -25.99 18.95 0.80
C ARG A 347 -26.38 17.54 1.27
N VAL A 348 -25.40 16.68 1.55
CA VAL A 348 -25.75 15.37 2.10
C VAL A 348 -26.42 15.55 3.46
N LYS A 349 -25.86 16.40 4.31
CA LYS A 349 -26.36 16.62 5.65
C LYS A 349 -27.76 17.23 5.63
N ASP A 350 -27.94 18.25 4.81
CA ASP A 350 -29.16 19.08 4.87
C ASP A 350 -30.30 18.70 3.94
N ASP A 351 -29.99 17.99 2.87
CA ASP A 351 -30.91 17.86 1.73
C ASP A 351 -31.01 16.42 1.24
N ILE A 352 -30.00 15.95 0.51
CA ILE A 352 -30.13 14.66 -0.15
C ILE A 352 -30.05 13.48 0.84
N GLY A 353 -29.32 13.63 1.95
CA GLY A 353 -29.24 12.58 2.96
C GLY A 353 -30.61 12.29 3.55
N PRO A 354 -31.24 13.30 4.15
CA PRO A 354 -32.56 13.05 4.74
C PRO A 354 -33.57 12.57 3.70
N TYR A 355 -33.49 13.07 2.47
CA TYR A 355 -34.39 12.61 1.41
C TYR A 355 -34.16 11.11 1.10
N MET A 356 -32.91 10.75 0.87
CA MET A 356 -32.56 9.36 0.62
C MET A 356 -33.04 8.48 1.77
N GLN A 357 -32.77 8.88 3.00
CA GLN A 357 -33.11 8.00 4.13
C GLN A 357 -34.61 7.76 4.24
N LYS A 358 -35.41 8.78 4.03
CA LYS A 358 -36.85 8.64 4.13
C LYS A 358 -37.37 7.80 2.97
N ARG A 359 -36.89 8.10 1.77
CA ARG A 359 -37.36 7.41 0.57
C ARG A 359 -36.94 5.93 0.56
N TRP A 360 -35.74 5.65 1.08
CA TRP A 360 -35.25 4.29 1.25
C TRP A 360 -36.20 3.51 2.16
N ARG A 361 -36.54 4.09 3.30
CA ARG A 361 -37.44 3.43 4.25
C ARG A 361 -38.85 3.27 3.70
N GLU A 362 -39.32 4.29 2.99
CA GLU A 362 -40.63 4.24 2.38
C GLU A 362 -40.70 3.14 1.30
N THR A 363 -39.61 2.98 0.55
CA THR A 363 -39.58 2.01 -0.52
C THR A 363 -39.53 0.54 -0.06
N PHE A 364 -38.69 0.24 0.91
CA PHE A 364 -38.36 -1.16 1.20
C PHE A 364 -39.06 -1.78 2.42
N SER A 365 -39.62 -0.96 3.30
CA SER A 365 -40.14 -1.50 4.56
C SER A 365 -41.30 -2.47 4.37
N ARG A 366 -42.06 -2.33 3.31
CA ARG A 366 -43.28 -3.13 3.13
C ARG A 366 -43.01 -4.57 2.71
N PHE A 367 -41.82 -4.86 2.20
CA PHE A 367 -41.60 -6.19 1.62
C PHE A 367 -41.52 -7.28 2.67
N GLU A 368 -42.15 -8.42 2.37
CA GLU A 368 -42.27 -9.53 3.31
C GLU A 368 -40.91 -10.07 3.79
N HIS A 369 -39.93 -10.06 2.90
CA HIS A 369 -38.62 -10.65 3.21
C HIS A 369 -37.51 -9.62 3.31
N VAL A 370 -37.88 -8.38 3.62
CA VAL A 370 -36.92 -7.32 3.85
C VAL A 370 -37.09 -6.80 5.28
N ASP A 371 -36.00 -6.66 6.02
CA ASP A 371 -36.10 -6.09 7.35
C ASP A 371 -34.85 -5.26 7.67
N ASP A 372 -34.90 -4.60 8.82
CA ASP A 372 -33.79 -3.78 9.31
C ASP A 372 -33.39 -2.75 8.26
N VAL A 373 -34.36 -2.08 7.70
CA VAL A 373 -34.11 -1.01 6.76
C VAL A 373 -33.45 0.14 7.50
N ARG A 374 -32.30 0.59 7.00
CA ARG A 374 -31.40 1.42 7.80
C ARG A 374 -30.51 2.28 6.92
N GLY A 375 -29.82 3.22 7.56
CA GLY A 375 -28.90 4.09 6.85
C GLY A 375 -28.82 5.46 7.46
N VAL A 376 -27.77 6.18 7.04
N VAL A 376 -27.77 6.19 7.10
CA VAL A 376 -27.40 7.52 7.51
CA VAL A 376 -27.73 7.61 7.37
C VAL A 376 -26.83 8.28 6.29
C VAL A 376 -26.88 8.29 6.32
N GLY A 377 -27.26 9.51 6.02
CA GLY A 377 -26.65 10.28 4.96
C GLY A 377 -26.83 9.63 3.60
N MET A 378 -25.75 9.16 2.99
CA MET A 378 -25.83 8.49 1.71
C MET A 378 -25.28 7.06 1.77
N VAL A 379 -25.28 6.45 2.95
CA VAL A 379 -25.09 5.00 3.04
C VAL A 379 -26.32 4.37 3.65
N GLN A 380 -26.80 3.32 3.00
CA GLN A 380 -28.07 2.72 3.43
C GLN A 380 -28.12 1.25 3.05
N ALA A 381 -29.02 0.51 3.72
CA ALA A 381 -29.02 -0.93 3.57
C ALA A 381 -30.33 -1.53 4.06
N PHE A 382 -30.47 -2.82 3.80
CA PHE A 382 -31.49 -3.64 4.43
C PHE A 382 -31.00 -5.08 4.45
N THR A 383 -31.73 -5.96 5.11
CA THR A 383 -31.36 -7.37 5.18
C THR A 383 -32.51 -8.22 4.63
N LEU A 384 -32.18 -9.16 3.76
CA LEU A 384 -33.13 -10.15 3.28
C LEU A 384 -33.27 -11.20 4.37
N VAL A 385 -34.51 -11.48 4.78
CA VAL A 385 -34.77 -12.38 5.90
C VAL A 385 -35.87 -13.38 5.55
N LYS A 386 -35.80 -14.55 6.17
CA LYS A 386 -36.82 -15.59 5.97
C LYS A 386 -38.13 -15.22 6.66
N ASN A 387 -38.04 -14.68 7.87
CA ASN A 387 -39.25 -14.34 8.63
C ASN A 387 -39.01 -13.14 9.53
N LYS A 388 -39.65 -12.01 9.21
CA LYS A 388 -39.45 -10.75 9.94
C LYS A 388 -39.89 -10.87 11.39
N ALA A 389 -41.06 -11.49 11.61
CA ALA A 389 -41.59 -11.57 12.95
C ALA A 389 -40.68 -12.33 13.89
N LYS A 390 -39.95 -13.30 13.36
CA LYS A 390 -39.06 -14.12 14.16
C LYS A 390 -37.62 -13.61 14.13
N ARG A 391 -37.35 -12.57 13.34
CA ARG A 391 -35.97 -12.15 13.01
C ARG A 391 -35.15 -13.36 12.58
N GLU A 392 -35.75 -14.18 11.73
CA GLU A 392 -35.10 -15.40 11.27
C GLU A 392 -34.42 -15.15 9.93
N LEU A 393 -33.11 -15.40 9.90
CA LEU A 393 -32.32 -15.26 8.68
C LEU A 393 -32.45 -16.50 7.80
N PHE A 394 -32.17 -16.33 6.51
CA PHE A 394 -32.07 -17.44 5.60
C PHE A 394 -30.85 -18.27 5.94
N PRO A 395 -30.91 -19.59 5.69
CA PRO A 395 -29.71 -20.41 5.87
C PRO A 395 -28.66 -20.09 4.82
N ASP A 396 -27.44 -20.51 5.06
CA ASP A 396 -26.34 -20.31 4.11
C ASP A 396 -26.21 -18.83 3.75
N PHE A 397 -26.25 -18.00 4.78
CA PHE A 397 -26.20 -16.54 4.69
C PHE A 397 -25.28 -16.10 3.54
N GLY A 398 -25.87 -15.42 2.57
CA GLY A 398 -25.16 -15.00 1.38
C GLY A 398 -25.78 -15.51 0.08
N GLU A 399 -26.37 -16.70 0.14
CA GLU A 399 -26.99 -17.27 -1.07
C GLU A 399 -28.16 -16.45 -1.56
N ILE A 400 -29.03 -16.03 -0.64
CA ILE A 400 -30.16 -15.21 -1.03
C ILE A 400 -29.73 -13.79 -1.44
N GLY A 401 -28.73 -13.25 -0.77
CA GLY A 401 -28.16 -11.97 -1.15
C GLY A 401 -27.67 -11.97 -2.59
N THR A 402 -26.99 -13.05 -2.97
CA THR A 402 -26.48 -13.18 -4.34
C THR A 402 -27.64 -13.21 -5.35
N LEU A 403 -28.70 -13.92 -4.99
CA LEU A 403 -29.87 -14.03 -5.86
C LEU A 403 -30.46 -12.66 -6.14
N CYS A 404 -30.59 -11.86 -5.07
CA CYS A 404 -31.15 -10.53 -5.20
C CYS A 404 -30.22 -9.60 -5.99
N ARG A 405 -28.93 -9.63 -5.67
CA ARG A 405 -27.96 -8.81 -6.39
C ARG A 405 -27.98 -9.12 -7.89
N ASP A 406 -28.10 -10.39 -8.25
CA ASP A 406 -28.13 -10.75 -9.66
C ASP A 406 -29.33 -10.13 -10.37
N ILE A 407 -30.45 -9.99 -9.66
CA ILE A 407 -31.61 -9.31 -10.23
C ILE A 407 -31.31 -7.82 -10.45
N PHE A 408 -30.73 -7.14 -9.47
CA PHE A 408 -30.34 -5.75 -9.65
C PHE A 408 -29.45 -5.61 -10.89
N PHE A 409 -28.43 -6.45 -10.96
CA PHE A 409 -27.42 -6.33 -12.02
C PHE A 409 -28.08 -6.53 -13.39
N ARG A 410 -29.01 -7.48 -13.50
CA ARG A 410 -29.72 -7.72 -14.76
C ARG A 410 -30.52 -6.49 -15.18
N ASN A 411 -30.90 -5.68 -14.20
CA ASN A 411 -31.67 -4.48 -14.45
C ASN A 411 -30.80 -3.23 -14.40
N ASN A 412 -29.50 -3.44 -14.59
CA ASN A 412 -28.55 -2.34 -14.72
C ASN A 412 -28.52 -1.40 -13.52
N LEU A 413 -28.61 -2.00 -12.33
CA LEU A 413 -28.49 -1.27 -11.08
C LEU A 413 -27.41 -1.95 -10.27
N ILE A 414 -26.39 -1.21 -9.88
CA ILE A 414 -25.36 -1.76 -9.04
C ILE A 414 -25.66 -1.46 -7.56
N MET A 415 -26.04 -2.50 -6.82
CA MET A 415 -26.03 -2.48 -5.37
C MET A 415 -25.34 -3.77 -4.95
N ARG A 416 -24.75 -3.79 -3.77
CA ARG A 416 -23.87 -4.88 -3.36
C ARG A 416 -24.55 -5.75 -2.31
N ALA A 417 -24.26 -7.05 -2.33
CA ALA A 417 -24.71 -7.92 -1.28
C ALA A 417 -23.52 -8.25 -0.38
N CYS A 418 -23.71 -8.10 0.92
CA CYS A 418 -22.75 -8.51 1.92
C CYS A 418 -23.48 -9.57 2.74
N GLY A 419 -23.21 -10.83 2.47
CA GLY A 419 -24.08 -11.87 2.98
C GLY A 419 -25.48 -11.63 2.41
N ASP A 420 -26.51 -11.63 3.27
CA ASP A 420 -27.88 -11.32 2.82
C ASP A 420 -28.25 -9.86 3.09
N HIS A 421 -27.26 -9.05 3.46
CA HIS A 421 -27.47 -7.62 3.51
C HIS A 421 -27.33 -7.03 2.11
N ILE A 422 -28.24 -6.14 1.73
CA ILE A 422 -28.13 -5.37 0.52
C ILE A 422 -27.71 -3.96 0.90
N VAL A 423 -26.66 -3.46 0.27
CA VAL A 423 -26.09 -2.16 0.64
C VAL A 423 -25.99 -1.22 -0.56
N SER A 424 -25.98 0.07 -0.27
CA SER A 424 -25.87 1.11 -1.28
C SER A 424 -25.10 2.31 -0.71
N ALA A 425 -24.29 2.92 -1.57
CA ALA A 425 -23.51 4.09 -1.24
C ALA A 425 -23.20 4.81 -2.55
N PRO A 426 -24.19 5.51 -3.12
CA PRO A 426 -24.02 6.16 -4.43
C PRO A 426 -23.15 7.41 -4.32
N PRO A 427 -22.69 7.93 -5.45
CA PRO A 427 -22.04 9.25 -5.41
C PRO A 427 -22.89 10.28 -4.65
N LEU A 428 -22.23 11.14 -3.89
CA LEU A 428 -22.93 12.08 -3.02
C LEU A 428 -23.66 13.14 -3.81
N VAL A 429 -23.28 13.32 -5.08
CA VAL A 429 -23.89 14.33 -5.94
C VAL A 429 -25.20 13.85 -6.56
N MET A 430 -25.62 12.63 -6.25
CA MET A 430 -26.90 12.12 -6.76
C MET A 430 -28.03 13.10 -6.47
N THR A 431 -28.87 13.36 -7.47
CA THR A 431 -29.99 14.30 -7.34
C THR A 431 -31.20 13.61 -6.73
N ARG A 432 -32.19 14.38 -6.29
CA ARG A 432 -33.42 13.75 -5.81
C ARG A 432 -34.06 12.90 -6.90
N ALA A 433 -34.08 13.40 -8.14
CA ALA A 433 -34.63 12.62 -9.23
C ALA A 433 -33.89 11.32 -9.44
N GLU A 434 -32.56 11.35 -9.29
CA GLU A 434 -31.75 10.15 -9.45
C GLU A 434 -31.97 9.16 -8.30
N VAL A 435 -32.16 9.67 -7.10
CA VAL A 435 -32.54 8.82 -5.97
C VAL A 435 -33.82 8.07 -6.31
N ASP A 436 -34.80 8.79 -6.80
CA ASP A 436 -36.09 8.20 -7.07
C ASP A 436 -36.01 7.22 -8.25
N GLU A 437 -35.19 7.53 -9.23
CA GLU A 437 -34.94 6.61 -10.34
C GLU A 437 -34.35 5.30 -9.82
N MET A 438 -33.32 5.42 -8.99
CA MET A 438 -32.66 4.24 -8.45
C MET A 438 -33.63 3.40 -7.62
N LEU A 439 -34.42 4.06 -6.79
CA LEU A 439 -35.33 3.34 -5.90
C LEU A 439 -36.44 2.65 -6.71
N ALA A 440 -36.88 3.26 -7.80
CA ALA A 440 -37.92 2.65 -8.61
C ALA A 440 -37.40 1.35 -9.25
N VAL A 441 -36.15 1.36 -9.72
CA VAL A 441 -35.57 0.14 -10.27
C VAL A 441 -35.42 -0.91 -9.18
N ALA A 442 -34.87 -0.51 -8.03
CA ALA A 442 -34.72 -1.45 -6.92
C ALA A 442 -36.06 -2.04 -6.49
N GLU A 443 -37.10 -1.21 -6.46
CA GLU A 443 -38.43 -1.65 -6.04
C GLU A 443 -38.95 -2.72 -6.98
N ARG A 444 -38.81 -2.49 -8.28
CA ARG A 444 -39.18 -3.47 -9.30
C ARG A 444 -38.41 -4.77 -9.09
N CYS A 445 -37.12 -4.65 -8.76
CA CYS A 445 -36.29 -5.83 -8.54
C CYS A 445 -36.73 -6.61 -7.30
N LEU A 446 -37.13 -5.91 -6.26
CA LEU A 446 -37.58 -6.58 -5.04
C LEU A 446 -38.92 -7.29 -5.28
N GLU A 447 -39.77 -6.72 -6.13
CA GLU A 447 -41.00 -7.40 -6.48
C GLU A 447 -40.67 -8.72 -7.15
N GLU A 448 -39.71 -8.71 -8.07
CA GLU A 448 -39.32 -9.93 -8.75
C GLU A 448 -38.67 -10.90 -7.76
N PHE A 449 -37.88 -10.37 -6.84
CA PHE A 449 -37.24 -11.19 -5.82
C PHE A 449 -38.29 -11.94 -5.02
N GLU A 450 -39.33 -11.24 -4.57
CA GLU A 450 -40.35 -11.87 -3.75
C GLU A 450 -41.08 -12.97 -4.53
N GLN A 451 -41.37 -12.67 -5.80
CA GLN A 451 -42.05 -13.63 -6.66
C GLN A 451 -41.20 -14.89 -6.85
N THR A 452 -39.91 -14.70 -7.06
CA THR A 452 -38.98 -15.81 -7.26
C THR A 452 -38.80 -16.67 -6.01
N LEU A 453 -38.71 -16.03 -4.86
CA LEU A 453 -38.65 -16.74 -3.59
C LEU A 453 -39.82 -17.71 -3.48
N LYS A 454 -41.02 -17.19 -3.70
CA LYS A 454 -42.23 -18.01 -3.66
C LYS A 454 -42.16 -19.16 -4.65
N ALA A 455 -41.86 -18.84 -5.90
CA ALA A 455 -41.84 -19.85 -6.95
C ALA A 455 -40.87 -20.98 -6.60
N ARG A 456 -39.76 -20.63 -5.95
CA ARG A 456 -38.75 -21.64 -5.64
C ARG A 456 -39.01 -22.37 -4.32
N GLY A 457 -40.13 -22.04 -3.67
CA GLY A 457 -40.49 -22.69 -2.42
C GLY A 457 -39.65 -22.22 -1.23
N LEU A 458 -39.08 -21.03 -1.34
CA LEU A 458 -38.15 -20.54 -0.32
C LEU A 458 -38.73 -19.43 0.55
N ALA A 459 -39.97 -19.02 0.27
CA ALA A 459 -40.56 -17.89 0.97
C ALA A 459 -41.03 -18.26 2.37
N ARG B 34 15.10 26.50 0.72
CA ARG B 34 15.26 26.00 -0.65
C ARG B 34 14.15 25.04 -1.03
N VAL B 35 13.52 25.31 -2.17
CA VAL B 35 12.51 24.41 -2.69
C VAL B 35 12.87 23.96 -4.09
N MET B 36 12.48 22.73 -4.40
CA MET B 36 12.68 22.18 -5.71
C MET B 36 11.68 22.80 -6.68
N THR B 37 12.15 23.20 -7.85
CA THR B 37 11.28 23.86 -8.83
C THR B 37 11.06 23.10 -10.14
N ARG B 38 12.03 22.27 -10.53
CA ARG B 38 12.13 21.75 -11.88
C ARG B 38 12.94 20.46 -11.77
N GLY B 39 12.63 19.44 -12.57
CA GLY B 39 13.57 18.38 -12.85
C GLY B 39 13.61 18.08 -14.34
N GLU B 40 14.80 17.72 -14.84
CA GLU B 40 14.94 17.33 -16.23
C GLU B 40 16.13 16.40 -16.40
N GLY B 41 15.89 15.23 -16.97
CA GLY B 41 16.94 14.27 -17.21
C GLY B 41 17.50 13.76 -15.90
N VAL B 42 18.76 14.00 -15.63
CA VAL B 42 19.39 13.58 -14.38
C VAL B 42 19.47 14.69 -13.35
N TYR B 43 18.90 15.86 -13.68
CA TYR B 43 19.06 17.06 -12.85
C TYR B 43 17.79 17.52 -12.17
N LEU B 44 17.96 18.11 -11.00
CA LEU B 44 16.92 18.85 -10.30
C LEU B 44 17.39 20.28 -10.27
N TRP B 45 16.44 21.21 -10.19
CA TRP B 45 16.80 22.61 -9.97
C TRP B 45 16.05 23.14 -8.78
N ASP B 46 16.66 24.11 -8.09
CA ASP B 46 16.04 24.71 -6.94
C ASP B 46 15.71 26.17 -7.23
N SER B 47 15.10 26.81 -6.25
CA SER B 47 14.63 28.17 -6.41
C SER B 47 15.76 29.22 -6.54
N GLU B 48 17.01 28.78 -6.37
CA GLU B 48 18.17 29.67 -6.54
C GLU B 48 18.85 29.49 -7.90
N GLY B 49 18.32 28.59 -8.72
CA GLY B 49 18.86 28.36 -10.05
C GLY B 49 19.92 27.29 -10.05
N ASN B 50 20.17 26.71 -8.88
CA ASN B 50 21.19 25.68 -8.76
C ASN B 50 20.75 24.38 -9.38
N LYS B 51 21.69 23.78 -10.10
CA LYS B 51 21.52 22.49 -10.72
C LYS B 51 22.04 21.44 -9.74
N ILE B 52 21.19 20.46 -9.43
CA ILE B 52 21.55 19.35 -8.53
C ILE B 52 21.60 18.06 -9.34
N ILE B 53 22.69 17.29 -9.20
CA ILE B 53 22.79 16.00 -9.87
C ILE B 53 22.10 14.96 -9.02
N ASP B 54 21.03 14.35 -9.54
CA ASP B 54 20.35 13.32 -8.77
C ASP B 54 20.94 11.96 -9.03
N GLY B 55 22.00 11.63 -8.29
CA GLY B 55 22.68 10.36 -8.44
C GLY B 55 21.95 9.19 -7.83
N MET B 56 20.71 9.41 -7.37
CA MET B 56 19.88 8.33 -6.81
C MET B 56 18.54 8.11 -7.52
N ALA B 57 18.26 8.87 -8.57
CA ALA B 57 17.02 8.73 -9.34
C ALA B 57 15.81 8.70 -8.43
N GLY B 58 15.67 9.75 -7.63
CA GLY B 58 14.58 9.82 -6.68
C GLY B 58 14.78 8.77 -5.62
N LEU B 59 13.81 7.88 -5.48
CA LEU B 59 13.94 6.73 -4.59
C LEU B 59 14.39 5.49 -5.37
N TRP B 60 15.56 5.56 -5.99
CA TRP B 60 16.12 4.46 -6.78
C TRP B 60 15.19 4.05 -7.93
N CYS B 61 14.33 4.95 -8.41
CA CYS B 61 13.24 4.51 -9.27
C CYS B 61 12.98 5.35 -10.52
N VAL B 62 13.53 6.57 -10.62
CA VAL B 62 13.20 7.44 -11.75
C VAL B 62 14.10 7.04 -12.94
N ASN B 63 13.83 5.84 -13.43
CA ASN B 63 14.79 5.19 -14.32
C ASN B 63 14.87 5.85 -15.69
N VAL B 64 13.76 6.43 -16.16
CA VAL B 64 13.78 7.14 -17.45
C VAL B 64 14.15 8.60 -17.30
N GLY B 65 14.44 9.02 -16.07
CA GLY B 65 14.76 10.41 -15.82
C GLY B 65 13.55 11.32 -15.68
N TYR B 66 13.85 12.57 -15.34
CA TYR B 66 12.86 13.58 -15.07
C TYR B 66 12.41 14.27 -16.35
N GLY B 67 11.23 14.88 -16.28
CA GLY B 67 10.76 15.74 -17.35
C GLY B 67 9.99 15.05 -18.45
N ARG B 68 9.48 13.85 -18.18
CA ARG B 68 8.70 13.12 -19.20
C ARG B 68 7.28 13.69 -19.32
N LYS B 69 7.10 14.76 -20.08
CA LYS B 69 5.78 15.37 -20.18
C LYS B 69 4.84 14.47 -20.95
N ASP B 70 5.38 13.53 -21.72
CA ASP B 70 4.52 12.55 -22.36
C ASP B 70 3.79 11.68 -21.34
N PHE B 71 4.38 11.44 -20.17
CA PHE B 71 3.70 10.64 -19.18
C PHE B 71 2.51 11.43 -18.63
N ALA B 72 2.64 12.74 -18.53
CA ALA B 72 1.53 13.56 -18.04
C ALA B 72 0.37 13.49 -19.01
N GLU B 73 0.66 13.48 -20.30
CA GLU B 73 -0.38 13.35 -21.29
C GLU B 73 -1.08 11.99 -21.19
N ALA B 74 -0.32 10.93 -20.92
CA ALA B 74 -0.93 9.61 -20.80
C ALA B 74 -1.88 9.58 -19.60
N ALA B 75 -1.48 10.19 -18.49
CA ALA B 75 -2.34 10.23 -17.31
C ALA B 75 -3.59 11.04 -17.62
N ARG B 76 -3.41 12.20 -18.24
CA ARG B 76 -4.53 13.09 -18.53
C ARG B 76 -5.54 12.36 -19.41
N ARG B 77 -5.07 11.72 -20.46
CA ARG B 77 -5.96 11.05 -21.40
C ARG B 77 -6.72 9.94 -20.69
N GLN B 78 -6.03 9.12 -19.89
CA GLN B 78 -6.70 8.02 -19.24
C GLN B 78 -7.69 8.51 -18.20
N MET B 79 -7.37 9.60 -17.49
CA MET B 79 -8.29 10.09 -16.47
CA MET B 79 -8.29 10.09 -16.47
C MET B 79 -9.50 10.78 -17.09
N GLU B 80 -9.32 11.40 -18.25
CA GLU B 80 -10.46 12.02 -18.89
C GLU B 80 -11.37 10.98 -19.51
N GLU B 81 -10.77 9.94 -20.09
CA GLU B 81 -11.53 8.94 -20.82
C GLU B 81 -12.20 7.93 -19.90
N LEU B 82 -11.42 7.31 -19.03
CA LEU B 82 -11.90 6.17 -18.27
C LEU B 82 -10.95 5.80 -17.11
N PRO B 83 -11.05 6.53 -15.99
CA PRO B 83 -10.17 6.26 -14.84
C PRO B 83 -10.63 5.10 -13.97
N PHE B 84 -11.83 4.58 -14.22
CA PHE B 84 -12.40 3.49 -13.43
C PHE B 84 -12.78 2.34 -14.34
N TYR B 85 -12.87 1.16 -13.76
CA TYR B 85 -13.51 0.04 -14.42
C TYR B 85 -14.18 -0.76 -13.34
N ASN B 86 -15.45 -1.07 -13.54
CA ASN B 86 -16.25 -1.62 -12.48
C ASN B 86 -16.32 -3.15 -12.57
N THR B 87 -16.28 -3.83 -11.44
CA THR B 87 -16.37 -5.29 -11.44
C THR B 87 -17.74 -5.80 -11.92
N PHE B 88 -18.73 -4.91 -12.01
CA PHE B 88 -20.01 -5.24 -12.64
C PHE B 88 -19.77 -5.86 -14.01
N PHE B 89 -18.71 -5.40 -14.68
CA PHE B 89 -18.28 -5.96 -15.96
C PHE B 89 -17.32 -7.10 -15.66
N LYS B 90 -17.29 -8.07 -16.41
CA LYS B 90 -16.47 -9.22 -16.05
C LYS B 90 -15.22 -9.18 -16.91
N THR B 91 -14.91 -7.99 -17.40
CA THR B 91 -13.73 -7.76 -18.21
C THR B 91 -12.72 -6.89 -17.48
N THR B 92 -11.47 -6.92 -17.93
CA THR B 92 -10.37 -6.12 -17.39
C THR B 92 -10.27 -4.77 -18.12
N HIS B 93 -9.94 -3.73 -17.38
CA HIS B 93 -9.79 -2.41 -17.99
C HIS B 93 -8.72 -2.49 -19.10
N PRO B 94 -9.01 -1.92 -20.26
CA PRO B 94 -8.09 -2.08 -21.40
C PRO B 94 -6.68 -1.52 -21.17
N ALA B 95 -6.54 -0.43 -20.43
CA ALA B 95 -5.23 0.06 -20.00
C ALA B 95 -4.41 -1.00 -19.28
N VAL B 96 -5.06 -1.75 -18.41
CA VAL B 96 -4.37 -2.77 -17.64
C VAL B 96 -4.04 -3.98 -18.51
N VAL B 97 -4.98 -4.38 -19.36
CA VAL B 97 -4.68 -5.41 -20.36
C VAL B 97 -3.46 -5.04 -21.21
N GLU B 98 -3.41 -3.79 -21.68
CA GLU B 98 -2.29 -3.32 -22.51
C GLU B 98 -0.98 -3.39 -21.72
N LEU B 99 -1.02 -2.96 -20.46
CA LEU B 99 0.19 -2.96 -19.63
C LEU B 99 0.69 -4.40 -19.45
N SER B 100 -0.23 -5.31 -19.11
CA SER B 100 0.17 -6.69 -18.87
C SER B 100 0.74 -7.34 -20.13
N SER B 101 0.14 -7.05 -21.29
CA SER B 101 0.63 -7.56 -22.55
C SER B 101 2.05 -7.09 -22.83
N LEU B 102 2.33 -5.80 -22.59
CA LEU B 102 3.68 -5.29 -22.78
C LEU B 102 4.66 -5.88 -21.77
N LEU B 103 4.25 -5.94 -20.51
CA LEU B 103 5.10 -6.56 -19.50
C LEU B 103 5.48 -7.99 -19.85
N ALA B 104 4.56 -8.75 -20.42
CA ALA B 104 4.85 -10.14 -20.75
C ALA B 104 5.99 -10.21 -21.78
N GLU B 105 6.11 -9.20 -22.63
CA GLU B 105 7.18 -9.16 -23.63
C GLU B 105 8.57 -8.90 -23.03
N VAL B 106 8.63 -8.26 -21.86
CA VAL B 106 9.92 -7.90 -21.26
C VAL B 106 10.25 -8.72 -20.03
N THR B 107 9.28 -9.39 -19.43
CA THR B 107 9.58 -10.33 -18.35
C THR B 107 10.03 -11.66 -18.92
N PRO B 108 10.75 -12.47 -18.12
CA PRO B 108 11.10 -13.81 -18.60
C PRO B 108 9.87 -14.65 -18.95
N ALA B 109 10.09 -15.71 -19.72
CA ALA B 109 9.03 -16.64 -20.07
C ALA B 109 8.38 -17.23 -18.82
N GLY B 110 7.06 -17.42 -18.88
CA GLY B 110 6.32 -18.11 -17.85
C GLY B 110 5.70 -17.23 -16.79
N PHE B 111 5.86 -15.92 -16.89
CA PHE B 111 5.21 -15.02 -15.94
C PHE B 111 3.91 -14.49 -16.55
N ASP B 112 2.88 -15.34 -16.49
CA ASP B 112 1.62 -15.08 -17.19
C ASP B 112 0.52 -14.57 -16.29
N ARG B 113 0.85 -14.36 -15.01
CA ARG B 113 -0.10 -13.81 -14.08
C ARG B 113 0.57 -12.68 -13.32
N VAL B 114 -0.12 -11.56 -13.25
CA VAL B 114 0.38 -10.40 -12.55
CA VAL B 114 0.38 -10.39 -12.56
C VAL B 114 -0.71 -9.86 -11.63
N PHE B 115 -0.32 -9.55 -10.40
CA PHE B 115 -1.22 -8.98 -9.39
C PHE B 115 -0.71 -7.58 -9.13
N TYR B 116 -1.43 -6.55 -9.58
CA TYR B 116 -1.00 -5.18 -9.39
C TYR B 116 -1.33 -4.68 -7.99
N THR B 117 -0.48 -3.83 -7.48
CA THR B 117 -0.64 -3.21 -6.16
C THR B 117 -0.36 -1.71 -6.32
N ASN B 118 -0.37 -0.98 -5.21
CA ASN B 118 -0.06 0.44 -5.24
C ASN B 118 1.38 0.76 -4.87
N SER B 119 2.15 -0.23 -4.41
CA SER B 119 3.53 0.02 -4.00
C SER B 119 4.31 -1.27 -3.85
N GLY B 120 5.62 -1.12 -3.76
CA GLY B 120 6.49 -2.24 -3.48
C GLY B 120 6.18 -2.87 -2.14
N SER B 121 5.84 -2.04 -1.15
CA SER B 121 5.52 -2.57 0.17
C SER B 121 4.29 -3.48 0.10
N GLU B 122 3.26 -3.04 -0.64
CA GLU B 122 2.08 -3.87 -0.82
C GLU B 122 2.37 -5.12 -1.63
N SER B 123 3.26 -5.03 -2.61
CA SER B 123 3.66 -6.20 -3.36
C SER B 123 4.27 -7.27 -2.45
N VAL B 124 5.16 -6.86 -1.58
CA VAL B 124 5.80 -7.80 -0.67
C VAL B 124 4.75 -8.45 0.25
N ASP B 125 3.85 -7.64 0.78
CA ASP B 125 2.83 -8.14 1.69
C ASP B 125 1.96 -9.17 0.97
N THR B 126 1.57 -8.87 -0.26
CA THR B 126 0.76 -9.78 -1.04
C THR B 126 1.52 -11.06 -1.35
N MET B 127 2.80 -10.93 -1.70
CA MET B 127 3.61 -12.10 -1.99
C MET B 127 3.69 -13.05 -0.78
N ILE B 128 3.78 -12.51 0.43
CA ILE B 128 3.85 -13.34 1.63
C ILE B 128 2.56 -14.16 1.73
N ARG B 129 1.43 -13.50 1.52
N ARG B 129 1.42 -13.51 1.52
CA ARG B 129 0.14 -14.20 1.57
CA ARG B 129 0.15 -14.22 1.56
C ARG B 129 0.00 -15.23 0.45
C ARG B 129 0.08 -15.28 0.47
N MET B 130 0.55 -14.94 -0.72
CA MET B 130 0.53 -15.88 -1.83
C MET B 130 1.33 -17.14 -1.57
N VAL B 131 2.53 -17.01 -1.03
N VAL B 131 2.53 -16.96 -1.07
CA VAL B 131 3.35 -18.20 -0.82
CA VAL B 131 3.40 -18.07 -0.76
C VAL B 131 2.78 -19.08 0.29
C VAL B 131 2.73 -19.02 0.23
N ARG B 132 2.15 -18.46 1.28
CA ARG B 132 1.53 -19.25 2.33
C ARG B 132 0.28 -19.95 1.79
N ARG B 133 -0.51 -19.24 0.98
CA ARG B 133 -1.72 -19.85 0.42
C ARG B 133 -1.37 -20.98 -0.55
N TYR B 134 -0.29 -20.80 -1.29
CA TYR B 134 0.14 -21.81 -2.24
C TYR B 134 0.36 -23.14 -1.51
N TRP B 135 1.07 -23.11 -0.39
CA TRP B 135 1.35 -24.36 0.30
C TRP B 135 0.10 -24.95 0.96
N ASP B 136 -0.82 -24.10 1.43
CA ASP B 136 -2.12 -24.63 1.90
C ASP B 136 -2.83 -25.43 0.81
N VAL B 137 -2.86 -24.88 -0.40
CA VAL B 137 -3.52 -25.55 -1.53
C VAL B 137 -2.84 -26.87 -1.85
N GLN B 138 -1.53 -26.94 -1.65
CA GLN B 138 -0.76 -28.16 -1.88
C GLN B 138 -0.94 -29.18 -0.77
N GLY B 139 -1.67 -28.82 0.27
CA GLY B 139 -1.93 -29.74 1.37
C GLY B 139 -0.78 -29.83 2.37
N LYS B 140 0.00 -28.77 2.43
CA LYS B 140 1.13 -28.66 3.36
C LYS B 140 0.97 -27.41 4.21
N PRO B 141 -0.01 -27.42 5.11
CA PRO B 141 -0.38 -26.23 5.88
C PRO B 141 0.71 -25.77 6.87
N GLU B 142 1.68 -26.62 7.14
CA GLU B 142 2.78 -26.26 8.05
C GLU B 142 3.86 -25.43 7.37
N LYS B 143 3.83 -25.40 6.06
CA LYS B 143 4.89 -24.80 5.27
C LYS B 143 4.64 -23.30 5.13
N LYS B 144 5.00 -22.54 6.15
CA LYS B 144 4.59 -21.15 6.25
C LYS B 144 5.70 -20.17 6.60
N THR B 145 6.88 -20.66 6.96
CA THR B 145 7.95 -19.76 7.34
C THR B 145 8.69 -19.25 6.10
N LEU B 146 8.85 -17.93 6.03
CA LEU B 146 9.69 -17.32 5.02
C LEU B 146 11.02 -16.94 5.63
N ILE B 147 12.07 -17.14 4.86
CA ILE B 147 13.41 -16.79 5.28
C ILE B 147 13.91 -15.61 4.47
N GLY B 148 14.36 -14.58 5.18
CA GLY B 148 15.03 -13.42 4.62
C GLY B 148 16.42 -13.30 5.19
N ARG B 149 16.97 -12.10 5.12
CA ARG B 149 18.35 -11.85 5.54
C ARG B 149 18.47 -10.62 6.42
N TRP B 150 19.42 -10.68 7.34
CA TRP B 150 19.82 -9.47 8.06
C TRP B 150 20.30 -8.44 7.04
N ASN B 151 19.89 -7.19 7.25
CA ASN B 151 20.20 -6.09 6.35
C ASN B 151 19.49 -6.22 5.00
N GLY B 152 18.47 -7.07 4.91
CA GLY B 152 17.58 -7.08 3.77
C GLY B 152 16.45 -6.08 4.01
N TYR B 153 15.89 -5.53 2.95
CA TYR B 153 14.79 -4.59 3.08
C TYR B 153 13.69 -4.94 2.09
N HIS B 154 12.48 -5.06 2.62
CA HIS B 154 11.34 -5.48 1.83
C HIS B 154 10.12 -4.63 2.14
N GLY B 155 10.35 -3.34 2.35
CA GLY B 155 9.27 -2.40 2.50
C GLY B 155 8.83 -2.26 3.94
N SER B 156 7.73 -1.53 4.14
CA SER B 156 7.38 -1.08 5.46
C SER B 156 6.03 -1.56 5.98
N THR B 157 5.38 -2.52 5.34
CA THR B 157 4.23 -3.11 6.01
C THR B 157 4.75 -3.96 7.17
N ILE B 158 3.88 -4.28 8.12
CA ILE B 158 4.23 -5.15 9.23
C ILE B 158 4.84 -6.46 8.68
N GLY B 159 4.22 -7.01 7.64
CA GLY B 159 4.75 -8.23 7.04
C GLY B 159 6.12 -8.01 6.41
N GLY B 160 6.24 -6.94 5.62
CA GLY B 160 7.49 -6.69 4.93
C GLY B 160 8.63 -6.33 5.89
N ALA B 161 8.32 -5.58 6.93
CA ALA B 161 9.31 -5.23 7.95
C ALA B 161 9.81 -6.49 8.67
N SER B 162 8.94 -7.47 8.86
CA SER B 162 9.29 -8.72 9.52
C SER B 162 10.20 -9.58 8.64
N LEU B 163 9.95 -9.57 7.34
CA LEU B 163 10.76 -10.33 6.41
C LEU B 163 12.11 -9.66 6.18
N GLY B 164 12.09 -8.32 6.18
CA GLY B 164 13.31 -7.55 6.15
C GLY B 164 14.10 -7.81 7.43
N GLY B 165 15.36 -7.42 7.40
CA GLY B 165 16.27 -7.71 8.49
C GLY B 165 16.96 -6.47 8.97
N MET B 166 16.28 -5.34 8.92
CA MET B 166 16.93 -4.12 9.37
C MET B 166 16.84 -4.08 10.90
N LYS B 167 18.00 -3.99 11.56
CA LYS B 167 18.09 -4.14 13.02
C LYS B 167 17.18 -3.14 13.75
N TYR B 168 17.06 -1.89 13.30
CA TYR B 168 16.20 -0.92 13.95
C TYR B 168 14.73 -1.28 13.82
N MET B 169 14.29 -1.66 12.55
CA MET B 169 12.88 -2.00 12.34
C MET B 169 12.41 -3.09 13.29
N HIS B 170 13.33 -4.00 13.66
CA HIS B 170 12.99 -5.05 14.61
C HIS B 170 13.09 -4.52 16.05
N LEU B 175 8.11 -7.22 16.27
CA LEU B 175 8.57 -7.77 14.99
C LEU B 175 9.80 -8.65 15.20
N PRO B 176 9.94 -9.72 14.40
CA PRO B 176 9.06 -10.14 13.30
C PRO B 176 7.82 -10.88 13.76
N ILE B 177 6.79 -10.82 12.93
CA ILE B 177 5.61 -11.66 13.10
C ILE B 177 6.02 -13.12 12.95
N PRO B 178 5.15 -14.05 13.36
CA PRO B 178 5.55 -15.45 13.32
C PRO B 178 5.80 -15.98 11.92
N GLY B 179 6.60 -17.03 11.79
CA GLY B 179 6.86 -17.61 10.49
C GLY B 179 7.80 -16.79 9.64
N MET B 180 8.72 -16.10 10.30
CA MET B 180 9.77 -15.32 9.65
C MET B 180 11.10 -15.67 10.29
N ALA B 181 12.08 -15.95 9.46
CA ALA B 181 13.41 -16.29 9.93
C ALA B 181 14.44 -15.55 9.07
N HIS B 182 15.67 -15.47 9.57
CA HIS B 182 16.71 -14.68 8.90
C HIS B 182 18.06 -15.34 8.95
N ILE B 183 18.78 -15.23 7.84
CA ILE B 183 20.18 -15.65 7.77
C ILE B 183 21.05 -14.43 7.53
N GLU B 184 22.35 -14.59 7.81
CA GLU B 184 23.29 -13.52 7.61
C GLU B 184 23.42 -13.15 6.12
N GLN B 185 23.76 -11.90 5.88
CA GLN B 185 23.89 -11.37 4.52
C GLN B 185 25.24 -11.71 3.89
N PRO B 186 25.27 -11.85 2.56
CA PRO B 186 26.54 -12.20 1.88
C PRO B 186 27.45 -10.97 1.68
N TRP B 187 27.87 -10.36 2.79
CA TRP B 187 28.73 -9.18 2.83
C TRP B 187 30.18 -9.63 3.10
N TRP B 188 30.91 -9.85 2.00
CA TRP B 188 32.25 -10.41 2.08
C TRP B 188 33.23 -9.52 2.87
N TYR B 189 33.10 -8.21 2.69
CA TYR B 189 34.10 -7.32 3.31
C TYR B 189 34.15 -7.57 4.80
N LYS B 190 32.98 -7.78 5.41
CA LYS B 190 32.90 -8.00 6.85
C LYS B 190 33.03 -9.47 7.27
N HIS B 191 32.36 -10.36 6.53
CA HIS B 191 32.19 -11.75 6.97
C HIS B 191 33.10 -12.75 6.24
N GLY B 192 33.89 -12.27 5.29
CA GLY B 192 34.64 -13.15 4.41
C GLY B 192 35.84 -13.84 5.04
N LYS B 193 36.33 -13.34 6.16
CA LYS B 193 37.45 -13.97 6.86
C LYS B 193 38.59 -14.17 5.88
N ASP B 194 39.11 -15.38 5.77
CA ASP B 194 40.21 -15.66 4.86
C ASP B 194 39.73 -16.35 3.58
N MET B 195 38.43 -16.31 3.33
CA MET B 195 37.85 -16.88 2.10
C MET B 195 37.94 -15.90 0.93
N THR B 196 38.11 -16.44 -0.27
CA THR B 196 37.92 -15.63 -1.46
C THR B 196 36.42 -15.29 -1.58
N PRO B 197 36.07 -14.29 -2.40
CA PRO B 197 34.64 -14.03 -2.60
C PRO B 197 33.88 -15.25 -3.10
N ASP B 198 34.42 -16.00 -4.04
CA ASP B 198 33.70 -17.17 -4.56
C ASP B 198 33.51 -18.22 -3.48
N GLU B 199 34.54 -18.48 -2.68
CA GLU B 199 34.44 -19.45 -1.59
C GLU B 199 33.38 -18.96 -0.60
N PHE B 200 33.44 -17.68 -0.27
CA PHE B 200 32.49 -17.07 0.66
C PHE B 200 31.04 -17.17 0.16
N GLY B 201 30.83 -16.99 -1.13
CA GLY B 201 29.48 -17.08 -1.67
C GLY B 201 28.86 -18.45 -1.41
N VAL B 202 29.65 -19.50 -1.50
CA VAL B 202 29.16 -20.85 -1.24
C VAL B 202 28.79 -21.00 0.23
N VAL B 203 29.66 -20.51 1.12
CA VAL B 203 29.41 -20.56 2.56
C VAL B 203 28.19 -19.71 2.95
N ALA B 204 28.08 -18.52 2.39
CA ALA B 204 26.95 -17.63 2.73
C ALA B 204 25.62 -18.17 2.24
N ALA B 205 25.63 -18.83 1.09
CA ALA B 205 24.44 -19.52 0.60
C ALA B 205 24.10 -20.74 1.46
N ARG B 206 25.12 -21.46 1.94
CA ARG B 206 24.92 -22.63 2.80
CA ARG B 206 24.85 -22.62 2.78
C ARG B 206 24.25 -22.26 4.11
N TRP B 207 24.41 -21.02 4.55
CA TRP B 207 23.66 -20.55 5.71
C TRP B 207 22.16 -20.77 5.52
N LEU B 208 21.68 -20.69 4.29
CA LEU B 208 20.26 -20.98 4.02
C LEU B 208 19.95 -22.45 4.26
N GLU B 209 20.81 -23.34 3.77
CA GLU B 209 20.61 -24.77 4.02
C GLU B 209 20.60 -25.07 5.52
N GLU B 210 21.54 -24.47 6.26
CA GLU B 210 21.63 -24.67 7.69
C GLU B 210 20.33 -24.23 8.37
N LYS B 211 19.82 -23.08 7.95
CA LYS B 211 18.58 -22.56 8.55
C LYS B 211 17.38 -23.45 8.21
N ILE B 212 17.28 -23.91 6.97
CA ILE B 212 16.22 -24.82 6.58
C ILE B 212 16.26 -26.08 7.42
N LEU B 213 17.46 -26.64 7.60
CA LEU B 213 17.57 -27.86 8.37
C LEU B 213 17.26 -27.65 9.86
N GLU B 214 17.61 -26.47 10.38
CA GLU B 214 17.32 -26.12 11.76
C GLU B 214 15.82 -26.00 12.00
N ILE B 215 15.12 -25.32 11.10
CA ILE B 215 13.69 -25.12 11.22
C ILE B 215 12.91 -26.39 10.89
N GLY B 216 13.38 -27.11 9.87
CA GLY B 216 12.67 -28.23 9.28
C GLY B 216 12.05 -27.81 7.96
N ALA B 217 12.44 -28.47 6.87
CA ALA B 217 12.05 -28.06 5.53
C ALA B 217 10.55 -28.04 5.34
N ASP B 218 9.83 -28.92 6.05
CA ASP B 218 8.39 -28.99 5.91
C ASP B 218 7.67 -27.81 6.57
N LYS B 219 8.41 -26.96 7.27
CA LYS B 219 7.88 -25.72 7.80
C LYS B 219 8.27 -24.48 6.99
N VAL B 220 9.15 -24.65 6.02
CA VAL B 220 9.69 -23.51 5.26
C VAL B 220 8.98 -23.34 3.92
N ALA B 221 8.37 -22.17 3.75
CA ALA B 221 7.63 -21.84 2.54
C ALA B 221 8.50 -21.25 1.41
N ALA B 222 9.43 -20.36 1.75
CA ALA B 222 10.13 -19.60 0.73
C ALA B 222 11.36 -18.96 1.29
N PHE B 223 12.31 -18.69 0.40
CA PHE B 223 13.42 -17.75 0.64
C PHE B 223 13.19 -16.53 -0.24
N VAL B 224 13.38 -15.34 0.34
CA VAL B 224 13.16 -14.09 -0.36
C VAL B 224 14.42 -13.25 -0.29
N GLY B 225 14.85 -12.73 -1.42
CA GLY B 225 15.97 -11.81 -1.41
C GLY B 225 15.99 -10.82 -2.55
N GLU B 226 16.47 -9.63 -2.24
CA GLU B 226 16.88 -8.67 -3.27
C GLU B 226 18.11 -9.21 -4.00
N PRO B 227 18.13 -9.15 -5.35
CA PRO B 227 19.31 -9.70 -6.02
C PRO B 227 20.60 -9.00 -5.56
N ILE B 228 20.54 -7.67 -5.45
CA ILE B 228 21.54 -6.85 -4.78
C ILE B 228 20.76 -6.15 -3.66
N GLN B 229 21.26 -6.22 -2.43
CA GLN B 229 20.61 -5.53 -1.31
C GLN B 229 20.75 -4.03 -1.50
N GLY B 230 19.64 -3.31 -1.56
CA GLY B 230 19.66 -1.89 -1.87
C GLY B 230 19.89 -1.00 -0.65
N ALA B 231 18.86 -0.85 0.17
CA ALA B 231 18.92 -0.03 1.37
C ALA B 231 20.02 -0.49 2.33
N GLY B 232 20.38 -1.78 2.25
CA GLY B 232 21.48 -2.30 3.03
C GLY B 232 22.86 -1.82 2.59
N GLY B 233 22.95 -1.18 1.41
CA GLY B 233 24.20 -0.60 0.98
C GLY B 233 24.77 -1.13 -0.32
N VAL B 234 23.91 -1.59 -1.23
CA VAL B 234 24.35 -2.15 -2.52
C VAL B 234 25.35 -3.28 -2.23
N ILE B 235 24.88 -4.27 -1.49
CA ILE B 235 25.69 -5.43 -1.17
C ILE B 235 25.54 -6.37 -2.35
N VAL B 236 26.62 -6.52 -3.11
CA VAL B 236 26.63 -7.30 -4.33
C VAL B 236 27.20 -8.66 -3.97
N PRO B 237 26.41 -9.72 -4.10
CA PRO B 237 26.91 -11.01 -3.66
C PRO B 237 27.92 -11.58 -4.64
N PRO B 238 28.75 -12.51 -4.18
CA PRO B 238 29.68 -13.19 -5.07
C PRO B 238 28.94 -13.97 -6.15
N ALA B 239 29.65 -14.28 -7.24
CA ALA B 239 29.06 -14.96 -8.39
C ALA B 239 28.54 -16.36 -8.05
N THR B 240 29.11 -16.98 -7.01
CA THR B 240 28.74 -18.33 -6.62
C THR B 240 27.47 -18.35 -5.74
N TYR B 241 27.02 -17.20 -5.26
CA TYR B 241 25.97 -17.15 -4.25
C TYR B 241 24.58 -17.55 -4.74
N TRP B 242 24.04 -16.82 -5.72
CA TRP B 242 22.67 -17.09 -6.13
C TRP B 242 22.51 -18.50 -6.71
N PRO B 243 23.48 -19.00 -7.50
CA PRO B 243 23.30 -20.40 -7.96
C PRO B 243 23.18 -21.39 -6.82
N GLU B 244 23.90 -21.16 -5.72
CA GLU B 244 23.83 -22.05 -4.58
CA GLU B 244 23.82 -22.05 -4.58
C GLU B 244 22.52 -21.86 -3.79
N ILE B 245 22.10 -20.62 -3.60
CA ILE B 245 20.80 -20.38 -2.99
C ILE B 245 19.72 -21.12 -3.78
N GLU B 246 19.76 -21.02 -5.09
CA GLU B 246 18.73 -21.64 -5.94
C GLU B 246 18.79 -23.17 -5.81
N ARG B 247 19.98 -23.74 -5.85
CA ARG B 247 20.12 -25.18 -5.72
C ARG B 247 19.50 -25.63 -4.41
N ILE B 248 19.81 -24.92 -3.33
CA ILE B 248 19.31 -25.25 -2.01
C ILE B 248 17.80 -25.15 -1.93
N CYS B 249 17.23 -24.07 -2.46
CA CYS B 249 15.78 -23.97 -2.42
C CYS B 249 15.14 -25.14 -3.12
N ARG B 250 15.62 -25.48 -4.31
CA ARG B 250 14.99 -26.59 -5.04
C ARG B 250 15.19 -27.93 -4.34
N LYS B 251 16.35 -28.13 -3.73
CA LYS B 251 16.63 -29.38 -3.05
C LYS B 251 15.62 -29.62 -1.91
N TYR B 252 15.23 -28.56 -1.22
CA TYR B 252 14.35 -28.68 -0.05
C TYR B 252 12.90 -28.33 -0.35
N ASP B 253 12.58 -28.16 -1.63
CA ASP B 253 11.22 -27.82 -2.08
C ASP B 253 10.71 -26.57 -1.36
N VAL B 254 11.51 -25.52 -1.43
CA VAL B 254 11.21 -24.19 -0.90
C VAL B 254 11.09 -23.23 -2.06
N LEU B 255 10.08 -22.36 -2.06
CA LEU B 255 9.96 -21.39 -3.15
C LEU B 255 11.05 -20.34 -3.09
N LEU B 256 11.35 -19.79 -4.26
CA LEU B 256 12.41 -18.81 -4.41
C LEU B 256 11.80 -17.51 -4.92
N VAL B 257 11.99 -16.44 -4.17
CA VAL B 257 11.38 -15.16 -4.52
C VAL B 257 12.46 -14.09 -4.64
N ALA B 258 12.45 -13.38 -5.76
CA ALA B 258 13.27 -12.18 -5.93
C ALA B 258 12.48 -10.92 -5.63
N ASP B 259 13.07 -10.02 -4.85
CA ASP B 259 12.50 -8.71 -4.66
C ASP B 259 13.21 -7.74 -5.59
N GLU B 260 12.50 -7.33 -6.63
CA GLU B 260 13.06 -6.47 -7.65
C GLU B 260 12.73 -4.99 -7.42
N VAL B 261 12.43 -4.63 -6.16
CA VAL B 261 12.14 -3.25 -5.74
C VAL B 261 13.09 -2.23 -6.36
N ILE B 262 14.38 -2.52 -6.33
CA ILE B 262 15.37 -1.61 -6.86
C ILE B 262 16.01 -2.13 -8.13
N CYS B 263 16.22 -3.44 -8.22
CA CYS B 263 16.93 -3.98 -9.38
C CYS B 263 16.05 -4.04 -10.61
N GLY B 264 14.75 -3.87 -10.45
CA GLY B 264 13.81 -3.99 -11.55
C GLY B 264 13.91 -2.87 -12.57
N PHE B 265 13.48 -3.17 -13.80
CA PHE B 265 13.33 -2.17 -14.85
C PHE B 265 14.64 -1.55 -15.26
N GLY B 266 15.62 -2.41 -15.43
CA GLY B 266 16.84 -2.07 -16.16
C GLY B 266 18.05 -1.70 -15.34
N ARG B 267 17.90 -1.69 -14.02
CA ARG B 267 18.93 -1.12 -13.17
C ARG B 267 20.29 -1.82 -13.30
N THR B 268 20.31 -3.14 -13.50
CA THR B 268 21.56 -3.89 -13.65
C THR B 268 21.99 -4.08 -15.10
N GLY B 269 21.17 -3.62 -16.03
CA GLY B 269 21.40 -3.82 -17.46
C GLY B 269 20.50 -4.92 -18.03
N GLU B 270 20.07 -5.84 -17.18
CA GLU B 270 19.00 -6.75 -17.55
C GLU B 270 17.69 -6.07 -17.14
N TRP B 271 16.58 -6.56 -17.66
CA TRP B 271 15.30 -6.05 -17.18
C TRP B 271 15.14 -6.21 -15.66
N PHE B 272 15.58 -7.34 -15.13
CA PHE B 272 15.44 -7.69 -13.71
C PHE B 272 16.76 -8.23 -13.15
N GLY B 273 17.03 -7.93 -11.89
CA GLY B 273 18.27 -8.34 -11.28
C GLY B 273 18.48 -9.85 -11.27
N HIS B 274 17.40 -10.61 -11.10
CA HIS B 274 17.57 -12.06 -11.08
C HIS B 274 18.09 -12.59 -12.40
N GLN B 275 17.84 -11.87 -13.47
CA GLN B 275 18.37 -12.25 -14.78
C GLN B 275 19.87 -12.07 -14.81
N HIS B 276 20.35 -10.97 -14.26
CA HIS B 276 21.78 -10.73 -14.23
C HIS B 276 22.51 -11.81 -13.43
N PHE B 277 21.96 -12.16 -12.27
CA PHE B 277 22.58 -13.16 -11.40
C PHE B 277 22.25 -14.59 -11.78
N GLY B 278 21.38 -14.77 -12.76
CA GLY B 278 21.21 -16.08 -13.35
C GLY B 278 20.38 -17.07 -12.55
N PHE B 279 19.36 -16.61 -11.81
CA PHE B 279 18.44 -17.52 -11.16
C PHE B 279 17.02 -17.28 -11.61
N GLN B 280 16.18 -18.29 -11.38
CA GLN B 280 14.82 -18.29 -11.91
C GLN B 280 13.79 -18.41 -10.78
N PRO B 281 13.40 -17.28 -10.23
CA PRO B 281 12.47 -17.31 -9.10
C PRO B 281 11.08 -17.75 -9.48
N ASP B 282 10.32 -18.25 -8.51
CA ASP B 282 8.93 -18.64 -8.71
C ASP B 282 7.96 -17.47 -8.76
N LEU B 283 8.34 -16.37 -8.11
CA LEU B 283 7.60 -15.12 -8.14
C LEU B 283 8.60 -14.01 -7.91
N PHE B 284 8.27 -12.80 -8.33
CA PHE B 284 9.08 -11.66 -7.97
C PHE B 284 8.20 -10.42 -7.79
N THR B 285 8.67 -9.52 -6.94
CA THR B 285 7.94 -8.32 -6.59
C THR B 285 8.58 -7.09 -7.23
N ALA B 286 7.73 -6.14 -7.62
CA ALA B 286 8.18 -4.90 -8.25
C ALA B 286 7.49 -3.72 -7.54
N ALA B 287 8.13 -2.57 -7.61
CA ALA B 287 7.66 -1.36 -6.94
C ALA B 287 7.51 -0.30 -8.01
N LYS B 288 7.52 0.98 -7.60
CA LYS B 288 7.12 2.05 -8.50
C LYS B 288 8.14 2.36 -9.61
N GLY B 289 9.31 1.70 -9.63
CA GLY B 289 10.13 1.73 -10.82
C GLY B 289 9.35 1.30 -12.09
N LEU B 290 8.30 0.55 -11.89
CA LEU B 290 7.40 0.16 -12.98
C LEU B 290 6.85 1.40 -13.73
N SER B 291 6.70 2.52 -13.03
CA SER B 291 6.27 3.80 -13.64
C SER B 291 7.35 4.90 -13.59
N SER B 292 8.57 4.51 -13.28
CA SER B 292 9.65 5.45 -12.96
C SER B 292 9.22 6.41 -11.85
N GLY B 293 8.31 5.96 -10.99
CA GLY B 293 7.86 6.77 -9.87
C GLY B 293 6.85 7.87 -10.20
N TYR B 294 6.47 7.99 -11.46
CA TYR B 294 5.60 9.10 -11.86
C TYR B 294 4.18 8.96 -11.28
N LEU B 295 3.74 7.72 -11.03
CA LEU B 295 2.52 7.43 -10.25
C LEU B 295 2.79 6.19 -9.43
N PRO B 296 2.12 6.06 -8.28
CA PRO B 296 2.36 4.91 -7.42
C PRO B 296 1.79 3.63 -8.04
N ILE B 297 2.61 2.58 -8.07
CA ILE B 297 2.18 1.29 -8.56
C ILE B 297 3.20 0.26 -8.09
N GLY B 298 2.80 -1.01 -8.10
CA GLY B 298 3.68 -2.13 -7.81
C GLY B 298 3.06 -3.37 -8.42
N ALA B 299 3.75 -4.49 -8.37
CA ALA B 299 3.18 -5.72 -8.87
C ALA B 299 3.86 -6.93 -8.28
N VAL B 300 3.13 -8.04 -8.24
CA VAL B 300 3.70 -9.36 -8.03
C VAL B 300 3.57 -10.13 -9.32
N PHE B 301 4.71 -10.55 -9.87
CA PHE B 301 4.77 -11.38 -11.05
C PHE B 301 4.83 -12.84 -10.61
N VAL B 302 3.90 -13.66 -11.08
CA VAL B 302 3.74 -15.02 -10.58
C VAL B 302 3.97 -16.03 -11.68
N GLY B 303 4.93 -16.92 -11.44
CA GLY B 303 5.31 -17.91 -12.42
C GLY B 303 4.31 -19.06 -12.49
N LYS B 304 4.53 -19.96 -13.45
CA LYS B 304 3.58 -21.04 -13.75
C LYS B 304 3.19 -21.88 -12.54
N ARG B 305 4.17 -22.38 -11.82
CA ARG B 305 3.92 -23.30 -10.73
C ARG B 305 3.01 -22.65 -9.69
N VAL B 306 3.38 -21.46 -9.23
CA VAL B 306 2.63 -20.85 -8.16
C VAL B 306 1.29 -20.33 -8.64
N ALA B 307 1.26 -19.81 -9.87
CA ALA B 307 0.00 -19.30 -10.40
C ALA B 307 -1.02 -20.43 -10.51
N GLU B 308 -0.60 -21.60 -10.98
CA GLU B 308 -1.52 -22.69 -11.17
C GLU B 308 -2.04 -23.16 -9.79
N GLY B 309 -1.19 -23.15 -8.76
CA GLY B 309 -1.64 -23.50 -7.43
C GLY B 309 -2.61 -22.49 -6.86
N LEU B 310 -2.28 -21.22 -6.99
CA LEU B 310 -3.17 -20.16 -6.49
C LEU B 310 -4.53 -20.12 -7.20
N ILE B 311 -4.52 -20.35 -8.49
CA ILE B 311 -5.76 -20.32 -9.26
C ILE B 311 -6.67 -21.45 -8.80
N ALA B 312 -6.07 -22.61 -8.50
CA ALA B 312 -6.83 -23.75 -7.96
C ALA B 312 -7.46 -23.41 -6.62
N GLY B 313 -6.81 -22.57 -5.83
CA GLY B 313 -7.38 -22.10 -4.59
C GLY B 313 -8.46 -21.04 -4.74
N GLY B 314 -8.27 -20.11 -5.68
CA GLY B 314 -9.26 -19.08 -5.99
C GLY B 314 -9.07 -17.74 -5.28
N ASP B 315 -8.27 -17.73 -4.22
CA ASP B 315 -8.17 -16.57 -3.32
C ASP B 315 -7.73 -15.28 -4.00
N PHE B 316 -6.90 -15.40 -5.03
CA PHE B 316 -6.31 -14.23 -5.68
C PHE B 316 -6.87 -14.00 -7.08
N ASN B 317 -7.88 -14.76 -7.48
CA ASN B 317 -8.42 -14.63 -8.82
C ASN B 317 -9.00 -13.25 -9.09
N HIS B 318 -9.70 -12.70 -8.11
CA HIS B 318 -10.24 -11.37 -8.24
C HIS B 318 -9.12 -10.36 -8.57
N GLY B 319 -8.02 -10.44 -7.83
CA GLY B 319 -6.90 -9.55 -8.06
C GLY B 319 -6.25 -9.79 -9.41
N PHE B 320 -6.05 -11.04 -9.78
CA PHE B 320 -5.44 -11.36 -11.07
C PHE B 320 -6.27 -10.77 -12.21
N THR B 321 -7.58 -10.57 -11.98
CA THR B 321 -8.46 -10.09 -13.03
C THR B 321 -8.68 -8.59 -12.97
N TYR B 322 -8.85 -8.06 -11.75
CA TYR B 322 -9.32 -6.70 -11.59
C TYR B 322 -8.33 -5.72 -10.99
N SER B 323 -7.14 -6.19 -10.61
CA SER B 323 -6.16 -5.32 -9.98
C SER B 323 -5.58 -4.32 -10.97
N GLY B 324 -5.11 -3.21 -10.44
CA GLY B 324 -4.40 -2.22 -11.23
C GLY B 324 -5.24 -0.96 -11.44
N HIS B 325 -4.77 0.14 -10.92
CA HIS B 325 -5.47 1.40 -11.11
C HIS B 325 -5.20 1.83 -12.55
N PRO B 326 -6.25 2.07 -13.32
CA PRO B 326 -6.06 2.29 -14.76
C PRO B 326 -5.19 3.47 -15.12
N VAL B 327 -5.26 4.55 -14.36
CA VAL B 327 -4.43 5.70 -14.66
C VAL B 327 -2.94 5.39 -14.41
N CYS B 328 -2.66 4.76 -13.28
CA CYS B 328 -1.29 4.37 -12.96
C CYS B 328 -0.80 3.37 -14.01
N ALA B 329 -1.68 2.48 -14.45
CA ALA B 329 -1.33 1.51 -15.47
C ALA B 329 -0.97 2.18 -16.80
N ALA B 330 -1.72 3.20 -17.18
CA ALA B 330 -1.43 3.94 -18.41
C ALA B 330 -0.04 4.59 -18.36
N VAL B 331 0.32 5.13 -17.21
CA VAL B 331 1.64 5.74 -17.09
C VAL B 331 2.71 4.67 -17.06
N ALA B 332 2.49 3.59 -16.32
CA ALA B 332 3.45 2.49 -16.31
C ALA B 332 3.68 1.93 -17.73
N HIS B 333 2.61 1.82 -18.50
CA HIS B 333 2.74 1.37 -19.86
C HIS B 333 3.64 2.29 -20.69
N ALA B 334 3.43 3.59 -20.57
CA ALA B 334 4.26 4.56 -21.28
C ALA B 334 5.71 4.42 -20.85
N ASN B 335 5.92 4.15 -19.56
CA ASN B 335 7.26 4.03 -19.00
C ASN B 335 7.97 2.80 -19.53
N VAL B 336 7.30 1.67 -19.49
CA VAL B 336 7.90 0.43 -19.93
C VAL B 336 8.16 0.47 -21.44
N ALA B 337 7.22 1.06 -22.17
CA ALA B 337 7.41 1.25 -23.60
C ALA B 337 8.64 2.10 -23.89
N ALA B 338 8.84 3.17 -23.14
CA ALA B 338 10.02 4.01 -23.32
C ALA B 338 11.28 3.22 -23.00
N LEU B 339 11.29 2.53 -21.87
CA LEU B 339 12.47 1.75 -21.49
C LEU B 339 12.87 0.75 -22.57
N ARG B 340 11.89 0.13 -23.22
CA ARG B 340 12.18 -0.80 -24.30
C ARG B 340 12.47 -0.11 -25.63
N ASP B 341 11.51 0.68 -26.09
CA ASP B 341 11.53 1.20 -27.45
C ASP B 341 12.58 2.28 -27.68
N GLU B 342 12.93 3.00 -26.62
CA GLU B 342 13.98 4.02 -26.71
C GLU B 342 15.35 3.39 -26.44
N GLY B 343 15.39 2.08 -26.24
CA GLY B 343 16.65 1.35 -26.08
C GLY B 343 17.35 1.58 -24.75
N ILE B 344 16.64 2.06 -23.74
CA ILE B 344 17.29 2.51 -22.51
C ILE B 344 17.90 1.33 -21.74
N VAL B 345 17.15 0.24 -21.58
CA VAL B 345 17.67 -0.91 -20.85
C VAL B 345 18.85 -1.55 -21.61
N GLN B 346 18.70 -1.73 -22.92
CA GLN B 346 19.76 -2.31 -23.72
C GLN B 346 21.03 -1.47 -23.62
N ARG B 347 20.87 -0.15 -23.62
CA ARG B 347 22.01 0.75 -23.47
C ARG B 347 22.72 0.59 -22.13
N VAL B 348 21.98 0.30 -21.06
CA VAL B 348 22.65 0.05 -19.79
C VAL B 348 23.53 -1.19 -19.91
N LYS B 349 22.99 -2.26 -20.49
CA LYS B 349 23.76 -3.50 -20.59
C LYS B 349 25.02 -3.34 -21.45
N ASP B 350 24.89 -2.69 -22.60
CA ASP B 350 25.90 -2.72 -23.64
C ASP B 350 26.84 -1.52 -23.66
N ASP B 351 26.45 -0.42 -23.05
CA ASP B 351 27.08 0.85 -23.32
C ASP B 351 27.35 1.65 -22.03
N ILE B 352 26.33 2.26 -21.46
CA ILE B 352 26.54 3.18 -20.34
C ILE B 352 26.88 2.43 -19.04
N GLY B 353 26.37 1.21 -18.88
CA GLY B 353 26.67 0.42 -17.69
C GLY B 353 28.15 0.10 -17.59
N PRO B 354 28.72 -0.52 -18.64
CA PRO B 354 30.15 -0.82 -18.53
C PRO B 354 31.02 0.44 -18.40
N TYR B 355 30.60 1.54 -19.02
CA TYR B 355 31.35 2.79 -18.88
C TYR B 355 31.29 3.31 -17.44
N MET B 356 30.08 3.37 -16.90
CA MET B 356 29.91 3.75 -15.49
C MET B 356 30.78 2.88 -14.56
N GLN B 357 30.70 1.57 -14.73
CA GLN B 357 31.37 0.67 -13.81
C GLN B 357 32.88 0.85 -13.85
N LYS B 358 33.42 1.03 -15.06
CA LYS B 358 34.85 1.26 -15.17
C LYS B 358 35.27 2.60 -14.56
N ARG B 359 34.51 3.65 -14.88
CA ARG B 359 34.83 4.99 -14.42
C ARG B 359 34.65 5.15 -12.93
N TRP B 360 33.63 4.50 -12.39
CA TRP B 360 33.41 4.45 -10.95
C TRP B 360 34.63 3.83 -10.25
N ARG B 361 35.10 2.70 -10.75
CA ARG B 361 36.28 2.06 -10.15
C ARG B 361 37.55 2.89 -10.32
N GLU B 362 37.69 3.53 -11.47
CA GLU B 362 38.86 4.36 -11.74
C GLU B 362 38.88 5.57 -10.80
N THR B 363 37.71 6.12 -10.54
CA THR B 363 37.61 7.32 -9.74
C THR B 363 37.89 7.06 -8.25
N PHE B 364 37.32 5.99 -7.70
CA PHE B 364 37.29 5.85 -6.25
C PHE B 364 38.34 4.91 -5.66
N SER B 365 38.95 4.06 -6.48
CA SER B 365 39.79 3.00 -5.94
C SER B 365 41.05 3.54 -5.24
N ARG B 366 41.52 4.71 -5.65
CA ARG B 366 42.78 5.22 -5.13
C ARG B 366 42.68 5.83 -3.73
N PHE B 367 41.48 6.11 -3.25
CA PHE B 367 41.34 6.83 -1.99
C PHE B 367 41.67 5.94 -0.79
N GLU B 368 42.40 6.52 0.18
CA GLU B 368 42.92 5.80 1.32
C GLU B 368 41.81 5.20 2.18
N HIS B 369 40.68 5.88 2.28
CA HIS B 369 39.60 5.42 3.15
C HIS B 369 38.35 4.95 2.38
N VAL B 370 38.55 4.51 1.15
CA VAL B 370 37.49 3.95 0.32
C VAL B 370 37.88 2.55 -0.07
N ASP B 371 36.97 1.60 0.09
CA ASP B 371 37.24 0.23 -0.29
C ASP B 371 35.97 -0.43 -0.81
N ASP B 372 36.15 -1.65 -1.32
CA ASP B 372 35.05 -2.46 -1.83
C ASP B 372 34.26 -1.69 -2.88
N VAL B 373 34.98 -1.07 -3.80
CA VAL B 373 34.34 -0.35 -4.90
C VAL B 373 33.67 -1.39 -5.81
N ARG B 374 32.39 -1.17 -6.10
CA ARG B 374 31.54 -2.25 -6.63
C ARG B 374 30.37 -1.70 -7.40
N GLY B 375 29.68 -2.57 -8.14
CA GLY B 375 28.53 -2.19 -8.92
C GLY B 375 28.35 -2.99 -10.18
N VAL B 376 27.16 -2.90 -10.74
CA VAL B 376 26.78 -3.56 -11.99
C VAL B 376 25.79 -2.63 -12.68
N GLY B 377 25.89 -2.47 -13.99
CA GLY B 377 24.89 -1.70 -14.70
C GLY B 377 24.93 -0.25 -14.30
N MET B 378 23.85 0.22 -13.70
CA MET B 378 23.77 1.59 -13.19
C MET B 378 23.48 1.65 -11.68
N VAL B 379 23.83 0.58 -10.97
CA VAL B 379 23.91 0.66 -9.51
C VAL B 379 25.33 0.41 -9.07
N GLN B 380 25.84 1.29 -8.22
CA GLN B 380 27.25 1.19 -7.81
C GLN B 380 27.45 1.79 -6.42
N ALA B 381 28.56 1.45 -5.78
CA ALA B 381 28.76 1.79 -4.39
C ALA B 381 30.22 1.64 -4.00
N PHE B 382 30.52 2.08 -2.78
CA PHE B 382 31.80 1.80 -2.13
C PHE B 382 31.56 1.91 -0.63
N THR B 383 32.57 1.56 0.16
CA THR B 383 32.45 1.64 1.60
C THR B 383 33.57 2.52 2.12
N LEU B 384 33.25 3.45 3.02
CA LEU B 384 34.23 4.25 3.74
C LEU B 384 34.76 3.40 4.88
N VAL B 385 36.08 3.26 4.93
CA VAL B 385 36.71 2.37 5.90
C VAL B 385 37.85 3.08 6.63
N LYS B 386 38.13 2.63 7.85
CA LYS B 386 39.23 3.16 8.64
C LYS B 386 40.58 2.73 8.08
N ASN B 387 40.68 1.47 7.67
CA ASN B 387 41.96 0.93 7.20
C ASN B 387 41.71 -0.19 6.19
N LYS B 388 42.04 0.07 4.94
CA LYS B 388 41.79 -0.87 3.84
C LYS B 388 42.58 -2.18 4.02
N ALA B 389 43.85 -2.06 4.39
CA ALA B 389 44.69 -3.23 4.53
C ALA B 389 44.17 -4.21 5.57
N LYS B 390 43.48 -3.68 6.58
CA LYS B 390 42.95 -4.48 7.70
C LYS B 390 41.47 -4.81 7.52
N ARG B 391 40.88 -4.28 6.45
CA ARG B 391 39.41 -4.32 6.26
C ARG B 391 38.72 -3.85 7.54
N GLU B 392 39.24 -2.77 8.11
CA GLU B 392 38.73 -2.26 9.36
C GLU B 392 37.72 -1.14 9.13
N LEU B 393 36.51 -1.34 9.61
CA LEU B 393 35.45 -0.33 9.48
C LEU B 393 35.59 0.75 10.55
N PHE B 394 35.00 1.91 10.30
CA PHE B 394 34.91 2.95 11.33
C PHE B 394 33.94 2.47 12.43
N PRO B 395 34.16 2.94 13.66
CA PRO B 395 33.19 2.64 14.72
C PRO B 395 31.91 3.45 14.49
N ASP B 396 30.83 3.08 15.16
CA ASP B 396 29.57 3.80 15.06
C ASP B 396 29.12 3.89 13.59
N PHE B 397 29.23 2.77 12.90
CA PHE B 397 28.90 2.64 11.47
C PHE B 397 27.70 3.49 11.10
N GLY B 398 27.92 4.44 10.19
CA GLY B 398 26.91 5.40 9.79
C GLY B 398 27.34 6.83 10.02
N GLU B 399 28.11 7.07 11.08
CA GLU B 399 28.52 8.43 11.39
C GLU B 399 29.44 9.01 10.30
N ILE B 400 30.40 8.22 9.84
CA ILE B 400 31.29 8.68 8.78
C ILE B 400 30.56 8.78 7.42
N GLY B 401 29.64 7.86 7.13
CA GLY B 401 28.84 7.94 5.93
C GLY B 401 28.06 9.26 5.88
N THR B 402 27.50 9.64 7.03
CA THR B 402 26.74 10.88 7.11
C THR B 402 27.62 12.09 6.82
N LEU B 403 28.84 12.09 7.36
CA LEU B 403 29.78 13.18 7.11
C LEU B 403 30.04 13.32 5.61
N CYS B 404 30.31 12.20 4.95
CA CYS B 404 30.63 12.21 3.54
C CYS B 404 29.42 12.65 2.73
N ARG B 405 28.25 12.10 3.05
CA ARG B 405 27.02 12.48 2.38
C ARG B 405 26.76 13.99 2.47
N ASP B 406 26.99 14.57 3.65
CA ASP B 406 26.78 15.99 3.81
C ASP B 406 27.69 16.79 2.88
N ILE B 407 28.91 16.31 2.65
CA ILE B 407 29.79 17.01 1.71
C ILE B 407 29.21 16.96 0.29
N PHE B 408 28.74 15.79 -0.14
CA PHE B 408 28.10 15.66 -1.45
C PHE B 408 26.96 16.66 -1.56
N PHE B 409 26.09 16.69 -0.56
CA PHE B 409 24.90 17.52 -0.60
C PHE B 409 25.29 19.00 -0.70
N ARG B 410 26.32 19.42 0.02
CA ARG B 410 26.76 20.81 -0.01
C ARG B 410 27.25 21.18 -1.41
N ASN B 411 27.67 20.18 -2.16
CA ASN B 411 28.15 20.35 -3.52
C ASN B 411 27.13 19.96 -4.57
N ASN B 412 25.87 19.91 -4.14
CA ASN B 412 24.74 19.72 -5.04
C ASN B 412 24.79 18.40 -5.81
N LEU B 413 25.26 17.37 -5.12
CA LEU B 413 25.29 16.02 -5.63
C LEU B 413 24.51 15.13 -4.66
N ILE B 414 23.52 14.41 -5.18
CA ILE B 414 22.78 13.45 -4.38
C ILE B 414 23.34 12.05 -4.57
N MET B 415 24.06 11.58 -3.55
CA MET B 415 24.32 10.16 -3.38
C MET B 415 23.97 9.85 -1.93
N ARG B 416 23.59 8.61 -1.66
CA ARG B 416 23.03 8.21 -0.37
C ARG B 416 24.06 7.47 0.46
N ALA B 417 23.98 7.63 1.79
CA ALA B 417 24.76 6.81 2.70
C ALA B 417 23.86 5.76 3.34
N CYS B 418 24.30 4.51 3.32
CA CYS B 418 23.64 3.42 4.02
C CYS B 418 24.68 2.94 5.00
N GLY B 419 24.58 3.32 6.27
CA GLY B 419 25.72 3.19 7.16
C GLY B 419 26.91 3.94 6.57
N ASP B 420 28.07 3.29 6.51
CA ASP B 420 29.24 3.92 5.87
C ASP B 420 29.40 3.50 4.40
N HIS B 421 28.37 2.84 3.85
CA HIS B 421 28.35 2.60 2.41
C HIS B 421 27.83 3.84 1.71
N ILE B 422 28.48 4.22 0.63
CA ILE B 422 28.00 5.27 -0.25
C ILE B 422 27.49 4.62 -1.52
N VAL B 423 26.26 4.98 -1.89
CA VAL B 423 25.55 4.32 -2.97
C VAL B 423 25.04 5.31 -4.00
N SER B 424 24.91 4.83 -5.22
CA SER B 424 24.42 5.60 -6.35
C SER B 424 23.59 4.74 -7.31
N ALA B 425 22.53 5.34 -7.83
CA ALA B 425 21.66 4.70 -8.80
C ALA B 425 20.99 5.82 -9.60
N PRO B 426 21.74 6.43 -10.54
CA PRO B 426 21.17 7.56 -11.27
C PRO B 426 20.15 7.12 -12.33
N PRO B 427 19.43 8.07 -12.93
CA PRO B 427 18.56 7.69 -14.04
C PRO B 427 19.34 6.97 -15.13
N LEU B 428 18.73 5.97 -15.75
CA LEU B 428 19.42 5.11 -16.71
C LEU B 428 19.82 5.82 -18.00
N VAL B 429 19.18 6.96 -18.26
CA VAL B 429 19.42 7.79 -19.45
C VAL B 429 20.67 8.68 -19.35
N MET B 430 21.34 8.66 -18.20
CA MET B 430 22.57 9.44 -18.02
C MET B 430 23.53 9.21 -19.19
N THR B 431 24.09 10.30 -19.72
CA THR B 431 25.08 10.22 -20.79
C THR B 431 26.49 10.03 -20.21
N ARG B 432 27.46 9.70 -21.05
CA ARG B 432 28.83 9.57 -20.55
C ARG B 432 29.32 10.90 -19.96
N ALA B 433 28.93 12.02 -20.56
CA ALA B 433 29.35 13.32 -20.06
C ALA B 433 28.77 13.56 -18.66
N GLU B 434 27.53 13.15 -18.48
CA GLU B 434 26.90 13.28 -17.17
C GLU B 434 27.53 12.34 -16.13
N VAL B 435 27.88 11.12 -16.53
CA VAL B 435 28.63 10.22 -15.64
C VAL B 435 29.91 10.92 -15.20
N ASP B 436 30.66 11.45 -16.16
CA ASP B 436 31.93 12.06 -15.81
C ASP B 436 31.78 13.34 -15.00
N GLU B 437 30.71 14.12 -15.26
CA GLU B 437 30.40 15.30 -14.45
C GLU B 437 30.12 14.91 -12.99
N MET B 438 29.28 13.89 -12.82
CA MET B 438 28.96 13.39 -11.50
C MET B 438 30.21 12.91 -10.76
N LEU B 439 31.03 12.13 -11.46
CA LEU B 439 32.23 11.57 -10.85
C LEU B 439 33.23 12.65 -10.48
N ALA B 440 33.33 13.71 -11.27
CA ALA B 440 34.27 14.78 -10.95
C ALA B 440 33.83 15.52 -9.70
N VAL B 441 32.53 15.74 -9.54
CA VAL B 441 32.06 16.36 -8.30
C VAL B 441 32.34 15.42 -7.14
N ALA B 442 32.02 14.14 -7.30
CA ALA B 442 32.22 13.18 -6.21
C ALA B 442 33.70 13.08 -5.82
N GLU B 443 34.57 13.09 -6.82
CA GLU B 443 36.00 13.01 -6.59
C GLU B 443 36.47 14.20 -5.73
N ARG B 444 36.04 15.40 -6.09
CA ARG B 444 36.38 16.60 -5.32
C ARG B 444 35.85 16.48 -3.89
N CYS B 445 34.65 15.95 -3.73
CA CYS B 445 34.09 15.74 -2.41
C CYS B 445 34.89 14.74 -1.59
N LEU B 446 35.36 13.66 -2.21
CA LEU B 446 36.17 12.70 -1.49
CA LEU B 446 36.18 12.68 -1.50
C LEU B 446 37.53 13.25 -1.09
N GLU B 447 38.10 14.14 -1.90
CA GLU B 447 39.35 14.79 -1.53
C GLU B 447 39.11 15.61 -0.26
N GLU B 448 37.99 16.32 -0.21
CA GLU B 448 37.64 17.09 0.99
C GLU B 448 37.40 16.16 2.17
N PHE B 449 36.71 15.06 1.93
CA PHE B 449 36.45 14.07 2.96
C PHE B 449 37.76 13.59 3.59
N GLU B 450 38.72 13.21 2.75
CA GLU B 450 40.00 12.73 3.26
C GLU B 450 40.69 13.81 4.09
N GLN B 451 40.66 15.04 3.62
CA GLN B 451 41.27 16.16 4.33
C GLN B 451 40.60 16.38 5.70
N THR B 452 39.27 16.31 5.72
CA THR B 452 38.49 16.49 6.94
C THR B 452 38.79 15.40 7.97
N LEU B 453 38.88 14.17 7.50
N LEU B 453 38.86 14.15 7.52
CA LEU B 453 39.24 13.04 8.35
CA LEU B 453 39.24 13.07 8.41
C LEU B 453 40.56 13.31 9.06
C LEU B 453 40.56 13.34 9.09
N LYS B 454 41.55 13.71 8.29
CA LYS B 454 42.87 14.01 8.83
C LYS B 454 42.74 15.13 9.85
N ALA B 455 42.06 16.20 9.47
CA ALA B 455 41.95 17.36 10.35
C ALA B 455 41.30 17.01 11.68
N ARG B 456 40.36 16.07 11.65
CA ARG B 456 39.59 15.72 12.84
C ARG B 456 40.26 14.62 13.66
N GLY B 457 41.41 14.14 13.21
CA GLY B 457 42.14 13.08 13.91
C GLY B 457 41.52 11.70 13.75
N LEU B 458 40.78 11.49 12.67
CA LEU B 458 40.02 10.26 12.49
C LEU B 458 40.59 9.35 11.40
N ALA B 459 41.64 9.80 10.72
CA ALA B 459 42.17 9.05 9.58
C ALA B 459 43.01 7.85 10.01
O42 TA8 C . -9.36 -3.76 0.81
O41 TA8 C . -8.22 -5.12 -0.46
C4 TA8 C . -8.84 -4.03 -0.30
C41 TA8 C . -8.89 -3.07 -1.43
C32 TA8 C . -7.59 -2.80 -2.12
C3 TA8 C . -6.85 -0.89 -0.84
O31 TA8 C . -6.81 -0.60 0.38
O32 TA8 C . -7.18 -0.02 -1.71
C22 TA8 C . -5.14 -2.26 -1.93
C2 TA8 C . -3.29 -3.51 -2.99
O21 TA8 C . -3.24 -2.72 -3.98
O22 TA8 C . -2.31 -4.24 -2.73
C10 TA8 C . -3.44 -6.47 -1.57
C11 TA8 C . -3.00 -5.18 -0.99
C12 TA8 C . -4.14 -4.23 -0.85
C1 TA8 C . -2.29 -5.37 0.31
O12 TA8 C . -1.06 -5.65 0.31
O11 TA8 C . -2.92 -5.24 1.40
C21 TA8 C . -4.53 -3.60 -2.15
C31 TA8 C . -6.49 -2.28 -1.25
O42 TA8 D . 9.70 1.28 1.75
O41 TA8 D . 8.76 2.61 3.22
C4 TA8 D . 9.10 2.36 2.04
C41 TA8 D . 8.75 3.34 0.97
C32 TA8 D . 7.30 3.65 0.81
C3 TA8 D . 6.57 1.93 -0.75
O31 TA8 D . 6.67 0.69 -0.88
O32 TA8 D . 6.60 2.70 -1.74
C22 TA8 D . 4.93 2.91 0.76
C2 TA8 D . 3.10 3.86 2.11
O21 TA8 D . 2.76 4.71 1.26
O22 TA8 D . 2.27 3.48 2.97
C10 TA8 D . 3.94 3.02 5.26
C11 TA8 D . 3.47 2.19 4.11
C12 TA8 D . 4.50 2.15 3.03
C1 TA8 D . 3.19 0.80 4.50
O12 TA8 D . 2.23 0.52 5.25
O11 TA8 D . 3.95 -0.09 4.05
C21 TA8 D . 4.49 3.32 2.12
C31 TA8 D . 6.37 2.50 0.61
#